data_9KRK
#
_entry.id   9KRK
#
_cell.length_a   1.00
_cell.length_b   1.00
_cell.length_c   1.00
_cell.angle_alpha   90.00
_cell.angle_beta   90.00
_cell.angle_gamma   90.00
#
_symmetry.space_group_name_H-M   'P 1'
#
_entity_poly.entity_id   1
_entity_poly.type   'polypeptide(L)'
_entity_poly.pdbx_seq_one_letter_code
;MLPVYQEVKPNPLQDANLCSRVFFWWLNPLFKIGHKRRLEEDDMYSVLPEDRSQHLGEELQGFWDKEVLRAENDAQKPSL
TRAIIKCYWKSYLVLGIFTLIEESAKVIQPIFLGKIINYFENYDPMDSVALNTAYAYATVLTFCTLILAILHHLYFYHVQ
CAGMRLRVAMCHMIYRKALRLSNMAMGKTTTGQIVNLLSNDVNKFDQVTVFLHFLWAGPLQAIAVTALLWMEIGISCLAG
MAVLIILLPLQSCFGKLFSSLRSKTATFTDARIRTMNEVITGIRIIKMYAWEKSFSNLITNLRKKEISKILRSSCLRGMN
LASFFSASKIIVFVTFTTYVLLGSVITASRVFVAVTLYGAVRLTVTLFFPSAIERVSEAIVSIRRIQTFLLLDEISQRNR
QLPSDGKKMVHVQDFTAFWDKASETPTLQGLSFTVRPGELLAVVGPVGAGKSSLLSAVLGELAPSHGLVSVHGRIAYVSQ
QPWVFSGTLRSNILFGKKYEKERYEKVIKACALKKDLQLLEDGDLTVIGDRGTTLSGGQKARVNLARAVYQDADIYLLDD
PLSAVDAEVSRHLFELCICQILHEKITILVTHQLQYLKAASQILILKDGKMVQKGTYTEFLKSGIDFGSLLKKDNEESEQ
PPVPGTPTLRNRTFSESSVWSQQSSRPSLKDGALESQDTENVPVTLSEENRSEGKVGFQAYKNYFRAGAHWIVFIFLILL
NTAAQVAYVLQDWWLSYWANKQSMLNVTVNGGGNVTEKLDLNWYLGIYSGLTVATVLFGIARSLLVFYVLVNSSQTLHNK
MFESILKAPVLFFDRNPIGRILNRFSKDIGHLDDLLPLTFLDFIQTLLQVVGVVSVAVAVIPWIAIPLVPLGIIFIFLRR
YFLETSRDVKRLESTTRSPVFSHLSSSLQGLWTIRAYKAEERCQELFDAHQDLHSEAWFLFLTTSRWFAVRLDAICAMFV
IIVAFGSLILAKTLDAGQVGLALSYALTLMGMFQWCVRQSAEVENMMISVERVIEYTDLEKEAPWEYQKRPPPAWPHEGV
IIFDNVNFMYSPGGPLVLKHLTALIKSQEKVGIVGRTGAGKSSLISALFRLSEPEGKIWIDKILTTEIGLHDLRKKMSII
PQEPVLFTGTMRKNLDPFNEHTDEELWNALQEVQLKETIEDLPGKMDTELAESGSNFSVGQRQLVCLARAILRKNQILII
DEATANVDPRTDELIQKKIREKFAHCTVLTIAHRLNTIIDSDKIMVLDSGRLKEYDEPYVLLQNKESLFYKMVQQLGKAE
AAALTETAKQVYFKRNYPHIGHTDHMVTNTSNGQPSTLTIFETAL
;
_entity_poly.pdbx_strand_id   A
#
# COMPACT_ATOMS: atom_id res chain seq x y z
N VAL A 8 33.72 -10.30 21.89
CA VAL A 8 32.51 -9.72 21.35
C VAL A 8 32.64 -9.53 19.84
N LYS A 9 31.81 -8.63 19.29
CA LYS A 9 31.79 -8.34 17.86
C LYS A 9 32.29 -6.92 17.63
N PRO A 10 33.59 -6.71 17.42
CA PRO A 10 34.10 -5.35 17.24
C PRO A 10 33.75 -4.81 15.86
N ASN A 11 33.15 -3.62 15.84
CA ASN A 11 32.79 -3.00 14.58
C ASN A 11 34.01 -2.33 13.94
N PRO A 12 34.07 -2.30 12.61
CA PRO A 12 35.20 -1.67 11.92
C PRO A 12 35.11 -0.16 11.82
N LEU A 13 34.05 0.46 12.35
CA LEU A 13 33.92 1.91 12.26
C LEU A 13 35.04 2.61 13.03
N GLN A 14 35.29 2.17 14.26
CA GLN A 14 36.44 2.68 14.99
C GLN A 14 37.73 2.18 14.36
N ASP A 15 38.81 2.93 14.60
CA ASP A 15 40.11 2.68 13.97
C ASP A 15 39.97 2.71 12.45
N ALA A 16 39.58 3.87 11.95
CA ALA A 16 39.39 4.08 10.51
C ALA A 16 39.84 5.51 10.18
N ASN A 17 40.88 5.61 9.36
CA ASN A 17 41.44 6.91 9.01
C ASN A 17 40.51 7.65 8.07
N LEU A 18 40.85 8.90 7.78
CA LEU A 18 40.11 9.68 6.80
C LEU A 18 40.42 9.18 5.40
N CYS A 19 39.79 9.81 4.41
CA CYS A 19 39.86 9.45 2.99
C CYS A 19 39.63 7.94 2.76
N SER A 20 39.02 7.29 3.75
CA SER A 20 38.61 5.89 3.64
C SER A 20 37.22 5.62 4.15
N ARG A 21 36.66 6.46 5.02
CA ARG A 21 35.28 6.35 5.44
C ARG A 21 34.38 7.38 4.75
N VAL A 22 34.91 8.12 3.78
CA VAL A 22 34.07 8.97 2.96
C VAL A 22 33.38 8.15 1.87
N PHE A 23 34.10 7.17 1.32
CA PHE A 23 33.53 6.21 0.39
C PHE A 23 32.99 4.97 1.09
N PHE A 24 33.05 4.94 2.42
CA PHE A 24 32.62 3.79 3.21
C PHE A 24 33.34 2.51 2.75
N TRP A 25 34.66 2.60 2.69
CA TRP A 25 35.49 1.49 2.23
C TRP A 25 35.57 0.36 3.25
N TRP A 26 35.14 0.58 4.49
CA TRP A 26 35.22 -0.43 5.54
C TRP A 26 34.04 -1.40 5.52
N LEU A 27 33.16 -1.29 4.53
CA LEU A 27 31.99 -2.15 4.43
C LEU A 27 32.07 -3.14 3.28
N ASN A 28 33.21 -3.25 2.62
CA ASN A 28 33.32 -4.18 1.49
C ASN A 28 33.27 -5.64 1.93
N PRO A 29 34.01 -6.09 2.95
CA PRO A 29 33.96 -7.53 3.28
C PRO A 29 32.58 -8.03 3.64
N LEU A 30 31.79 -7.24 4.37
CA LEU A 30 30.45 -7.65 4.77
C LEU A 30 29.63 -8.10 3.57
N PHE A 31 29.65 -7.29 2.50
CA PHE A 31 28.94 -7.67 1.29
C PHE A 31 29.41 -9.02 0.76
N LYS A 32 30.72 -9.25 0.75
CA LYS A 32 31.25 -10.52 0.28
C LYS A 32 30.71 -11.69 1.11
N ILE A 33 30.34 -11.44 2.36
CA ILE A 33 29.72 -12.48 3.17
C ILE A 33 28.27 -12.68 2.76
N GLY A 34 27.54 -11.59 2.51
CA GLY A 34 26.16 -11.66 2.13
C GLY A 34 25.89 -12.01 0.69
N HIS A 35 26.94 -12.34 -0.08
CA HIS A 35 26.76 -12.64 -1.50
C HIS A 35 26.24 -14.05 -1.72
N LYS A 36 26.61 -15.00 -0.85
CA LYS A 36 26.24 -16.40 -1.03
C LYS A 36 25.72 -17.08 0.22
N ARG A 37 26.02 -16.58 1.42
CA ARG A 37 25.75 -17.31 2.65
C ARG A 37 24.43 -16.94 3.32
N ARG A 38 23.89 -15.76 3.03
CA ARG A 38 22.65 -15.28 3.64
C ARG A 38 22.78 -15.24 5.16
N LEU A 39 23.69 -14.38 5.62
CA LEU A 39 23.90 -14.19 7.06
C LEU A 39 22.62 -13.72 7.73
N GLU A 40 22.28 -14.36 8.85
CA GLU A 40 21.03 -14.01 9.52
C GLU A 40 21.22 -13.01 10.66
N GLU A 41 21.94 -13.40 11.71
CA GLU A 41 22.10 -12.50 12.86
C GLU A 41 23.50 -12.49 13.48
N ASP A 42 24.30 -13.53 13.30
CA ASP A 42 25.56 -13.68 14.04
C ASP A 42 26.76 -13.16 13.27
N ASP A 43 26.55 -12.43 12.18
CA ASP A 43 27.65 -11.90 11.38
C ASP A 43 27.48 -10.39 11.17
N MET A 44 27.05 -9.69 12.22
CA MET A 44 26.90 -8.25 12.17
C MET A 44 27.73 -7.62 13.29
N TYR A 45 28.01 -6.32 13.13
CA TYR A 45 28.86 -5.60 14.05
C TYR A 45 28.05 -4.97 15.17
N SER A 46 28.65 -4.87 16.34
CA SER A 46 28.00 -4.33 17.52
C SER A 46 27.93 -2.80 17.42
N VAL A 47 27.47 -2.15 18.49
CA VAL A 47 27.30 -0.71 18.51
C VAL A 47 28.52 -0.06 19.14
N LEU A 48 28.66 1.24 18.90
CA LEU A 48 29.76 1.99 19.46
C LEU A 48 29.63 2.06 20.98
N PRO A 49 30.75 2.24 21.69
CA PRO A 49 30.68 2.39 23.15
C PRO A 49 29.91 3.62 23.60
N GLU A 50 29.81 4.64 22.75
CA GLU A 50 29.05 5.85 23.05
C GLU A 50 27.64 5.80 22.50
N ASP A 51 27.13 4.61 22.18
CA ASP A 51 25.76 4.45 21.67
C ASP A 51 24.93 3.49 22.50
N ARG A 52 25.39 3.13 23.69
CA ARG A 52 24.60 2.28 24.58
C ARG A 52 23.38 3.02 25.08
N SER A 53 22.39 2.26 25.53
CA SER A 53 21.15 2.86 26.00
C SER A 53 21.36 3.62 27.31
N GLN A 54 22.14 3.03 28.23
CA GLN A 54 22.36 3.68 29.52
C GLN A 54 23.15 4.98 29.37
N HIS A 55 24.20 4.96 28.54
CA HIS A 55 25.03 6.16 28.37
C HIS A 55 24.23 7.29 27.74
N LEU A 56 23.25 6.97 26.90
CA LEU A 56 22.42 7.99 26.27
C LEU A 56 21.22 8.39 27.12
N GLY A 57 20.83 7.56 28.09
CA GLY A 57 19.68 7.88 28.91
C GLY A 57 20.03 8.60 30.20
N GLU A 58 21.18 8.27 30.79
CA GLU A 58 21.55 8.83 32.08
C GLU A 58 21.74 10.34 31.99
N GLU A 59 22.46 10.81 30.97
CA GLU A 59 22.73 12.23 30.85
C GLU A 59 21.45 13.03 30.59
N LEU A 60 20.57 12.49 29.74
CA LEU A 60 19.32 13.20 29.48
C LEU A 60 18.43 13.22 30.72
N GLN A 61 18.42 12.13 31.48
CA GLN A 61 17.65 12.12 32.73
C GLN A 61 18.20 13.14 33.72
N GLY A 62 19.52 13.23 33.83
CA GLY A 62 20.12 14.23 34.71
C GLY A 62 19.81 15.65 34.27
N PHE A 63 19.84 15.89 32.96
CA PHE A 63 19.53 17.23 32.46
C PHE A 63 18.07 17.58 32.71
N TRP A 64 17.17 16.61 32.52
CA TRP A 64 15.75 16.86 32.80
C TRP A 64 15.52 17.14 34.28
N ASP A 65 16.20 16.40 35.16
CA ASP A 65 16.06 16.65 36.59
C ASP A 65 16.59 18.04 36.95
N LYS A 66 17.74 18.42 36.39
CA LYS A 66 18.26 19.76 36.64
C LYS A 66 17.32 20.84 36.14
N GLU A 67 16.71 20.62 34.97
CA GLU A 67 15.79 21.60 34.41
C GLU A 67 14.54 21.74 35.27
N VAL A 68 13.99 20.62 35.75
CA VAL A 68 12.80 20.72 36.59
C VAL A 68 13.14 21.32 37.94
N LEU A 69 14.34 21.06 38.47
CA LEU A 69 14.74 21.69 39.73
C LEU A 69 14.92 23.19 39.55
N ARG A 70 15.41 23.62 38.39
CA ARG A 70 15.54 25.05 38.13
C ARG A 70 14.19 25.70 37.94
N ALA A 71 13.26 25.01 37.26
CA ALA A 71 11.93 25.57 37.02
C ALA A 71 11.04 25.55 38.26
N GLU A 72 11.38 24.72 39.25
CA GLU A 72 10.58 24.70 40.48
C GLU A 72 10.62 26.03 41.22
N ASN A 73 11.72 26.79 41.07
CA ASN A 73 11.84 28.07 41.75
C ASN A 73 10.76 29.04 41.29
N ASP A 74 10.76 29.38 40.01
CA ASP A 74 9.77 30.31 39.48
C ASP A 74 8.42 29.62 39.35
N ALA A 75 7.37 30.44 39.33
CA ALA A 75 5.99 29.94 39.20
C ALA A 75 5.65 29.64 37.75
N GLN A 76 6.41 28.71 37.17
CA GLN A 76 6.21 28.31 35.79
C GLN A 76 6.16 26.78 35.68
N LYS A 77 6.15 26.28 34.44
CA LYS A 77 6.11 24.85 34.19
C LYS A 77 7.36 24.42 33.44
N PRO A 78 8.04 23.37 33.87
CA PRO A 78 9.27 22.94 33.19
C PRO A 78 8.96 22.41 31.79
N SER A 79 9.89 22.66 30.87
CA SER A 79 9.75 22.24 29.49
C SER A 79 10.71 21.10 29.18
N LEU A 80 10.45 20.43 28.06
CA LEU A 80 11.26 19.31 27.62
C LEU A 80 12.21 19.66 26.49
N THR A 81 11.81 20.56 25.59
CA THR A 81 12.68 20.91 24.47
C THR A 81 13.94 21.62 24.93
N ARG A 82 13.89 22.33 26.05
CA ARG A 82 15.08 22.99 26.56
C ARG A 82 16.14 21.97 26.97
N ALA A 83 15.72 20.85 27.56
CA ALA A 83 16.68 19.82 27.95
C ALA A 83 17.32 19.15 26.75
N ILE A 84 16.59 19.07 25.63
CA ILE A 84 17.16 18.51 24.40
C ILE A 84 18.12 19.50 23.76
N ILE A 85 17.76 20.78 23.76
CA ILE A 85 18.62 21.80 23.15
C ILE A 85 19.92 21.93 23.93
N LYS A 86 19.83 22.03 25.26
CA LYS A 86 21.03 22.17 26.09
C LYS A 86 21.97 20.99 25.95
N CYS A 87 21.52 19.88 25.38
CA CYS A 87 22.37 18.70 25.18
C CYS A 87 22.88 18.56 23.75
N TYR A 88 22.09 18.96 22.75
CA TYR A 88 22.46 18.73 21.36
C TYR A 88 22.79 20.01 20.60
N TRP A 89 22.92 21.15 21.29
CA TRP A 89 23.28 22.40 20.62
C TRP A 89 24.65 22.32 19.99
N LYS A 90 25.58 21.56 20.60
CA LYS A 90 26.91 21.43 20.01
C LYS A 90 26.85 20.75 18.65
N SER A 91 26.15 19.62 18.56
CA SER A 91 26.01 18.92 17.29
C SER A 91 25.25 19.78 16.28
N TYR A 92 24.21 20.50 16.74
CA TYR A 92 23.46 21.35 15.82
C TYR A 92 24.34 22.44 15.23
N LEU A 93 25.14 23.09 16.06
CA LEU A 93 26.02 24.15 15.58
C LEU A 93 27.15 23.60 14.72
N VAL A 94 27.57 22.36 14.97
CA VAL A 94 28.62 21.77 14.14
C VAL A 94 28.07 21.45 12.75
N LEU A 95 26.83 20.97 12.67
CA LEU A 95 26.24 20.67 11.37
C LEU A 95 25.77 21.92 10.63
N GLY A 96 25.50 23.01 11.37
CA GLY A 96 25.11 24.25 10.72
C GLY A 96 26.16 24.79 9.77
N ILE A 97 27.43 24.69 10.15
CA ILE A 97 28.51 25.18 9.28
C ILE A 97 28.49 24.43 7.95
N PHE A 98 28.37 23.10 7.99
CA PHE A 98 28.43 22.34 6.77
C PHE A 98 27.18 22.54 5.92
N THR A 99 26.01 22.68 6.55
CA THR A 99 24.83 22.93 5.72
C THR A 99 24.87 24.31 5.10
N LEU A 100 25.45 25.29 5.79
CA LEU A 100 25.64 26.61 5.17
C LEU A 100 26.62 26.54 4.01
N ILE A 101 27.72 25.81 4.16
CA ILE A 101 28.66 25.66 3.07
C ILE A 101 28.01 24.98 1.87
N GLU A 102 27.22 23.92 2.13
CA GLU A 102 26.56 23.21 1.04
C GLU A 102 25.51 24.07 0.34
N GLU A 103 24.81 24.92 1.09
CA GLU A 103 23.83 25.82 0.47
C GLU A 103 24.51 26.93 -0.31
N SER A 104 25.70 27.38 0.12
CA SER A 104 26.40 28.42 -0.61
C SER A 104 27.09 27.85 -1.86
N ALA A 105 27.42 26.56 -1.86
CA ALA A 105 28.10 25.96 -2.99
C ALA A 105 27.17 25.68 -4.17
N LYS A 106 25.88 26.00 -4.06
CA LYS A 106 24.94 25.81 -5.16
C LYS A 106 24.67 27.09 -5.93
N VAL A 107 25.45 28.14 -5.69
CA VAL A 107 25.26 29.42 -6.36
C VAL A 107 26.42 29.77 -7.28
N ILE A 108 27.62 29.25 -7.03
CA ILE A 108 28.78 29.60 -7.85
C ILE A 108 28.70 28.94 -9.22
N GLN A 109 28.02 27.79 -9.31
CA GLN A 109 27.98 27.06 -10.57
C GLN A 109 27.35 27.85 -11.71
N PRO A 110 26.18 28.47 -11.56
CA PRO A 110 25.66 29.27 -12.68
C PRO A 110 26.49 30.50 -12.97
N ILE A 111 27.05 31.12 -11.93
CA ILE A 111 27.88 32.32 -12.13
C ILE A 111 29.10 31.99 -12.97
N PHE A 112 29.66 30.79 -12.80
CA PHE A 112 30.83 30.41 -13.60
C PHE A 112 30.45 29.82 -14.95
N LEU A 113 29.29 29.17 -15.05
CA LEU A 113 28.79 28.76 -16.36
C LEU A 113 28.57 29.98 -17.25
N GLY A 114 28.08 31.07 -16.67
CA GLY A 114 27.94 32.31 -17.42
C GLY A 114 29.26 32.78 -18.01
N LYS A 115 30.34 32.71 -17.23
CA LYS A 115 31.64 33.15 -17.73
C LYS A 115 32.18 32.18 -18.78
N ILE A 116 31.95 30.88 -18.59
CA ILE A 116 32.40 29.91 -19.60
C ILE A 116 31.70 30.17 -20.93
N ILE A 117 30.41 30.49 -20.90
CA ILE A 117 29.69 30.80 -22.13
C ILE A 117 30.16 32.14 -22.70
N ASN A 118 30.40 33.12 -21.82
CA ASN A 118 30.87 34.44 -22.27
C ASN A 118 32.21 34.34 -22.97
N TYR A 119 33.04 33.38 -22.57
CA TYR A 119 34.29 33.15 -23.30
C TYR A 119 34.02 32.77 -24.74
N PHE A 120 33.03 31.90 -24.97
CA PHE A 120 32.68 31.52 -26.33
C PHE A 120 32.04 32.68 -27.09
N GLU A 121 31.32 33.56 -26.39
CA GLU A 121 30.69 34.69 -27.06
C GLU A 121 31.73 35.62 -27.70
N ASN A 122 32.92 35.70 -27.13
CA ASN A 122 34.01 36.52 -27.65
C ASN A 122 35.21 35.59 -27.87
N TYR A 123 35.26 34.98 -29.05
CA TYR A 123 36.25 33.95 -29.36
C TYR A 123 37.24 34.48 -30.38
N ASP A 124 38.52 34.49 -30.01
CA ASP A 124 39.59 34.88 -30.90
C ASP A 124 40.54 33.70 -31.11
N PRO A 125 40.64 33.15 -32.32
CA PRO A 125 41.53 31.99 -32.51
C PRO A 125 42.99 32.30 -32.30
N MET A 126 43.42 33.54 -32.51
CA MET A 126 44.82 33.93 -32.36
C MET A 126 45.12 34.42 -30.94
N ASP A 127 44.75 33.61 -29.95
CA ASP A 127 44.96 33.96 -28.56
C ASP A 127 45.17 32.69 -27.75
N SER A 128 45.99 32.80 -26.71
CA SER A 128 46.25 31.69 -25.81
C SER A 128 46.17 32.09 -24.33
N VAL A 129 45.80 33.32 -24.02
CA VAL A 129 45.70 33.76 -22.64
C VAL A 129 44.30 33.49 -22.08
N ALA A 130 43.26 33.75 -22.87
CA ALA A 130 41.90 33.52 -22.39
C ALA A 130 41.59 32.04 -22.23
N LEU A 131 42.28 31.16 -22.95
CA LEU A 131 42.03 29.73 -22.80
C LEU A 131 42.46 29.24 -21.43
N ASN A 132 43.55 29.78 -20.89
CA ASN A 132 43.97 29.41 -19.54
C ASN A 132 42.95 29.87 -18.50
N THR A 133 42.40 31.06 -18.67
CA THR A 133 41.36 31.54 -17.76
C THR A 133 40.10 30.69 -17.87
N ALA A 134 39.76 30.23 -19.08
CA ALA A 134 38.62 29.34 -19.24
C ALA A 134 38.87 28.00 -18.56
N TYR A 135 40.09 27.47 -18.67
CA TYR A 135 40.43 26.24 -17.97
C TYR A 135 40.35 26.43 -16.46
N ALA A 136 40.76 27.60 -15.96
CA ALA A 136 40.64 27.88 -14.54
C ALA A 136 39.18 27.94 -14.11
N TYR A 137 38.32 28.56 -14.93
CA TYR A 137 36.89 28.58 -14.64
C TYR A 137 36.32 27.16 -14.58
N ALA A 138 36.71 26.32 -15.53
CA ALA A 138 36.24 24.93 -15.52
C ALA A 138 36.73 24.19 -14.29
N THR A 139 37.98 24.41 -13.89
CA THR A 139 38.51 23.76 -12.71
C THR A 139 37.78 24.20 -11.45
N VAL A 140 37.45 25.50 -11.36
CA VAL A 140 36.70 25.97 -10.20
C VAL A 140 35.29 25.39 -10.19
N LEU A 141 34.67 25.28 -11.37
CA LEU A 141 33.35 24.67 -11.44
C LEU A 141 33.37 23.18 -11.12
N THR A 142 34.50 22.52 -11.34
CA THR A 142 34.64 21.09 -11.05
C THR A 142 34.57 20.76 -9.56
N PHE A 143 34.90 21.71 -8.68
CA PHE A 143 34.94 21.46 -7.25
C PHE A 143 33.58 21.51 -6.57
N CYS A 144 32.69 22.38 -7.04
CA CYS A 144 31.35 22.45 -6.46
C CYS A 144 30.60 21.15 -6.66
N THR A 145 30.74 20.54 -7.84
CA THR A 145 30.08 19.26 -8.10
C THR A 145 30.62 18.18 -7.18
N LEU A 146 31.94 18.14 -6.97
CA LEU A 146 32.52 17.15 -6.08
C LEU A 146 32.05 17.34 -4.65
N ILE A 147 31.97 18.60 -4.19
CA ILE A 147 31.51 18.86 -2.83
C ILE A 147 30.05 18.45 -2.68
N LEU A 148 29.23 18.73 -3.69
CA LEU A 148 27.81 18.40 -3.60
C LEU A 148 27.52 16.92 -3.77
N ALA A 149 28.41 16.17 -4.43
CA ALA A 149 28.12 14.78 -4.75
C ALA A 149 28.84 13.78 -3.85
N ILE A 150 29.99 14.13 -3.28
CA ILE A 150 30.81 13.20 -2.52
C ILE A 150 30.75 13.50 -1.02
N LEU A 151 31.04 14.74 -0.63
CA LEU A 151 31.08 15.11 0.78
C LEU A 151 29.70 15.29 1.38
N HIS A 152 28.64 14.89 0.69
CA HIS A 152 27.29 15.00 1.21
C HIS A 152 26.83 13.71 1.90
N HIS A 153 27.28 12.56 1.42
CA HIS A 153 26.84 11.27 1.92
C HIS A 153 27.46 10.89 3.27
N LEU A 154 28.30 11.75 3.83
CA LEU A 154 28.79 11.60 5.20
C LEU A 154 28.08 12.53 6.17
N TYR A 155 27.90 13.79 5.80
CA TYR A 155 27.07 14.68 6.59
C TYR A 155 25.65 14.15 6.70
N PHE A 156 25.14 13.52 5.64
CA PHE A 156 23.80 12.95 5.72
C PHE A 156 23.74 11.79 6.70
N TYR A 157 24.74 10.90 6.67
CA TYR A 157 24.77 9.81 7.63
C TYR A 157 24.86 10.32 9.05
N HIS A 158 25.64 11.39 9.28
CA HIS A 158 25.77 11.93 10.63
C HIS A 158 24.48 12.59 11.09
N VAL A 159 23.82 13.34 10.21
CA VAL A 159 22.56 13.98 10.60
C VAL A 159 21.45 12.95 10.76
N GLN A 160 21.59 11.77 10.16
CA GLN A 160 20.62 10.71 10.41
C GLN A 160 20.92 9.99 11.71
N CYS A 161 22.20 9.79 12.04
CA CYS A 161 22.58 9.15 13.28
C CYS A 161 22.32 10.05 14.49
N ALA A 162 22.23 11.36 14.28
CA ALA A 162 21.96 12.26 15.41
C ALA A 162 20.51 12.22 15.90
N GLY A 163 19.68 11.28 15.45
CA GLY A 163 18.30 11.20 15.93
C GLY A 163 18.01 9.91 16.68
N MET A 164 18.71 8.84 16.30
CA MET A 164 18.52 7.56 16.99
C MET A 164 18.94 7.66 18.45
N ARG A 165 19.91 8.50 18.76
CA ARG A 165 20.31 8.70 20.15
C ARG A 165 19.18 9.32 20.96
N LEU A 166 18.56 10.36 20.41
CA LEU A 166 17.42 10.98 21.09
C LEU A 166 16.27 10.00 21.25
N ARG A 167 16.00 9.21 20.20
CA ARG A 167 14.92 8.22 20.29
C ARG A 167 15.19 7.20 21.38
N VAL A 168 16.41 6.66 21.43
CA VAL A 168 16.76 5.67 22.43
C VAL A 168 16.68 6.26 23.83
N ALA A 169 17.15 7.49 24.00
CA ALA A 169 17.09 8.13 25.31
C ALA A 169 15.65 8.33 25.77
N MET A 170 14.78 8.79 24.86
CA MET A 170 13.38 8.96 25.22
C MET A 170 12.73 7.65 25.60
N CYS A 171 12.98 6.59 24.82
CA CYS A 171 12.41 5.28 25.15
C CYS A 171 12.90 4.79 26.50
N HIS A 172 14.20 4.94 26.77
CA HIS A 172 14.75 4.46 28.04
C HIS A 172 14.15 5.21 29.22
N MET A 173 14.06 6.54 29.12
CA MET A 173 13.51 7.30 30.24
C MET A 173 12.02 7.04 30.42
N ILE A 174 11.29 6.81 29.33
CA ILE A 174 9.88 6.48 29.44
C ILE A 174 9.70 5.14 30.15
N TYR A 175 10.49 4.13 29.77
CA TYR A 175 10.36 2.84 30.44
C TYR A 175 10.78 2.92 31.91
N ARG A 176 11.81 3.73 32.21
CA ARG A 176 12.22 3.88 33.59
C ARG A 176 11.16 4.59 34.43
N LYS A 177 10.44 5.54 33.84
CA LYS A 177 9.38 6.21 34.57
C LYS A 177 8.15 5.32 34.73
N ALA A 178 7.88 4.46 33.74
CA ALA A 178 6.67 3.65 33.78
C ALA A 178 6.67 2.63 34.91
N LEU A 179 7.82 2.36 35.53
CA LEU A 179 7.91 1.39 36.61
C LEU A 179 7.90 2.04 37.99
N ARG A 180 7.39 3.27 38.09
CA ARG A 180 7.32 3.98 39.36
C ARG A 180 5.96 4.65 39.55
N LEU A 181 4.92 4.07 38.97
CA LEU A 181 3.59 4.64 39.05
C LEU A 181 2.80 4.01 40.20
N SER A 182 1.88 4.80 40.75
CA SER A 182 1.00 4.34 41.82
C SER A 182 -0.23 3.66 41.23
N ASN A 183 -1.04 3.08 42.13
CA ASN A 183 -2.25 2.40 41.68
C ASN A 183 -3.24 3.38 41.07
N MET A 184 -3.37 4.56 41.66
CA MET A 184 -4.26 5.59 41.10
C MET A 184 -3.77 6.02 39.72
N ALA A 185 -2.46 6.26 39.58
CA ALA A 185 -1.92 6.68 38.29
C ALA A 185 -1.96 5.54 37.29
N MET A 186 -1.93 4.29 37.74
CA MET A 186 -1.99 3.16 36.83
C MET A 186 -3.42 2.85 36.39
N GLY A 187 -4.41 3.22 37.20
CA GLY A 187 -5.79 2.94 36.86
C GLY A 187 -6.32 3.76 35.70
N LYS A 188 -5.76 4.95 35.49
CA LYS A 188 -6.24 5.82 34.42
C LYS A 188 -5.61 5.45 33.07
N THR A 189 -4.36 5.00 33.08
CA THR A 189 -3.68 4.64 31.85
C THR A 189 -3.83 3.14 31.56
N THR A 190 -3.71 2.79 30.29
CA THR A 190 -3.84 1.41 29.84
C THR A 190 -2.55 0.95 29.19
N THR A 191 -2.44 -0.37 29.02
CA THR A 191 -1.26 -0.93 28.36
C THR A 191 -1.23 -0.56 26.88
N GLY A 192 -2.38 -0.63 26.21
CA GLY A 192 -2.44 -0.21 24.82
C GLY A 192 -2.08 1.25 24.63
N GLN A 193 -2.47 2.10 25.58
CA GLN A 193 -2.10 3.51 25.49
C GLN A 193 -0.59 3.68 25.54
N ILE A 194 0.09 2.97 26.43
CA ILE A 194 1.54 3.08 26.53
C ILE A 194 2.20 2.50 25.29
N VAL A 195 1.67 1.40 24.76
CA VAL A 195 2.22 0.82 23.54
C VAL A 195 2.10 1.80 22.38
N ASN A 196 0.95 2.48 22.28
CA ASN A 196 0.77 3.47 21.22
C ASN A 196 1.68 4.67 21.42
N LEU A 197 1.85 5.12 22.66
CA LEU A 197 2.72 6.25 22.94
C LEU A 197 4.18 5.93 22.64
N LEU A 198 4.58 4.67 22.81
CA LEU A 198 5.96 4.28 22.56
C LEU A 198 6.21 3.88 21.11
N SER A 199 5.18 3.47 20.37
CA SER A 199 5.35 3.01 19.00
C SER A 199 4.96 4.06 17.96
N ASN A 200 4.34 5.15 18.37
CA ASN A 200 3.91 6.16 17.41
C ASN A 200 4.49 7.54 17.72
N ASP A 201 4.56 7.93 18.99
CA ASP A 201 5.03 9.27 19.34
C ASP A 201 6.55 9.37 19.23
N VAL A 202 7.27 8.34 19.68
CA VAL A 202 8.72 8.42 19.68
C VAL A 202 9.30 8.20 18.28
N ASN A 203 8.70 7.30 17.50
CA ASN A 203 9.20 6.96 16.17
C ASN A 203 9.21 8.14 15.22
N LYS A 204 8.65 9.29 15.60
CA LYS A 204 8.70 10.50 14.79
C LYS A 204 9.94 11.35 15.07
N PHE A 205 10.92 10.81 15.79
CA PHE A 205 12.14 11.52 16.09
C PHE A 205 13.29 11.13 15.16
N ASP A 206 13.00 10.46 14.05
CA ASP A 206 14.03 10.07 13.09
C ASP A 206 13.93 10.81 11.76
N GLN A 207 12.88 11.60 11.55
CA GLN A 207 12.69 12.35 10.31
C GLN A 207 12.56 13.84 10.57
N VAL A 208 13.07 14.33 11.69
CA VAL A 208 13.01 15.74 12.03
C VAL A 208 14.36 16.42 11.83
N THR A 209 15.45 15.78 12.25
CA THR A 209 16.77 16.36 12.06
C THR A 209 17.15 16.48 10.60
N VAL A 210 16.53 15.69 9.72
CA VAL A 210 16.82 15.80 8.29
C VAL A 210 16.19 17.06 7.71
N PHE A 211 14.96 17.35 8.08
CA PHE A 211 14.24 18.52 7.60
C PHE A 211 14.26 19.67 8.60
N LEU A 212 15.34 19.79 9.38
CA LEU A 212 15.44 20.85 10.37
C LEU A 212 16.12 22.10 9.83
N HIS A 213 17.05 21.95 8.89
CA HIS A 213 17.80 23.08 8.36
C HIS A 213 17.10 23.76 7.19
N PHE A 214 15.88 23.36 6.85
CA PHE A 214 15.13 23.97 5.76
C PHE A 214 14.15 25.03 6.24
N LEU A 215 14.37 25.58 7.43
CA LEU A 215 13.56 26.69 7.93
C LEU A 215 14.27 28.02 7.87
N TRP A 216 15.60 28.02 7.93
CA TRP A 216 16.38 29.25 7.78
C TRP A 216 17.18 29.30 6.49
N ALA A 217 17.63 28.16 5.99
CA ALA A 217 18.33 28.10 4.70
C ALA A 217 17.38 28.04 3.51
N GLY A 218 16.08 27.98 3.75
CA GLY A 218 15.11 27.97 2.68
C GLY A 218 14.88 29.36 2.11
N PRO A 219 14.34 30.27 2.91
CA PRO A 219 14.15 31.65 2.43
C PRO A 219 15.44 32.38 2.12
N LEU A 220 16.54 32.04 2.80
CA LEU A 220 17.82 32.68 2.51
C LEU A 220 18.30 32.40 1.09
N GLN A 221 18.19 31.16 0.63
CA GLN A 221 18.57 30.87 -0.75
C GLN A 221 17.66 31.57 -1.75
N ALA A 222 16.37 31.67 -1.43
CA ALA A 222 15.45 32.38 -2.31
C ALA A 222 15.82 33.86 -2.42
N ILE A 223 16.18 34.49 -1.29
CA ILE A 223 16.56 35.89 -1.33
C ILE A 223 17.89 36.07 -2.04
N ALA A 224 18.81 35.12 -1.87
CA ALA A 224 20.10 35.22 -2.54
C ALA A 224 19.96 35.04 -4.05
N VAL A 225 19.03 34.20 -4.50
CA VAL A 225 18.85 34.00 -5.94
C VAL A 225 18.06 35.15 -6.55
N THR A 226 17.10 35.70 -5.79
CA THR A 226 16.31 36.81 -6.29
C THR A 226 17.13 38.06 -6.58
N ALA A 227 18.25 38.25 -5.89
CA ALA A 227 19.09 39.43 -6.10
C ALA A 227 20.09 39.27 -7.23
N LEU A 228 20.44 38.03 -7.60
CA LEU A 228 21.38 37.82 -8.69
C LEU A 228 20.75 38.11 -10.05
N LEU A 229 19.45 37.85 -10.21
CA LEU A 229 18.81 38.05 -11.50
C LEU A 229 18.70 39.52 -11.86
N TRP A 230 18.65 40.41 -10.86
CA TRP A 230 18.58 41.84 -11.15
C TRP A 230 19.82 42.34 -11.88
N MET A 231 20.97 41.72 -11.63
CA MET A 231 22.21 42.14 -12.27
C MET A 231 22.41 41.52 -13.65
N GLU A 232 21.49 40.67 -14.10
CA GLU A 232 21.61 40.02 -15.40
C GLU A 232 20.51 40.45 -16.36
N ILE A 233 19.24 40.30 -15.97
CA ILE A 233 18.14 40.64 -16.86
C ILE A 233 17.33 41.84 -16.36
N GLY A 234 17.32 42.12 -15.06
CA GLY A 234 16.66 43.30 -14.56
C GLY A 234 15.28 43.09 -13.97
N ILE A 235 14.38 44.05 -14.21
CA ILE A 235 13.05 44.00 -13.61
C ILE A 235 12.26 42.81 -14.12
N SER A 236 12.54 42.35 -15.34
CA SER A 236 11.80 41.23 -15.92
C SER A 236 11.88 39.99 -15.04
N CYS A 237 12.92 39.87 -14.22
CA CYS A 237 13.05 38.71 -13.34
C CYS A 237 11.88 38.58 -12.39
N LEU A 238 11.25 39.71 -12.02
CA LEU A 238 10.09 39.64 -11.15
C LEU A 238 8.95 38.86 -11.79
N ALA A 239 8.84 38.92 -13.13
CA ALA A 239 7.83 38.12 -13.82
C ALA A 239 8.04 36.63 -13.58
N GLY A 240 9.28 36.22 -13.34
CA GLY A 240 9.55 34.83 -13.05
C GLY A 240 9.24 34.42 -11.63
N MET A 241 8.95 35.37 -10.75
CA MET A 241 8.65 35.07 -9.36
C MET A 241 7.17 35.11 -9.04
N ALA A 242 6.36 35.77 -9.88
CA ALA A 242 4.92 35.83 -9.65
C ALA A 242 4.26 34.48 -9.88
N VAL A 243 4.76 33.71 -10.84
CA VAL A 243 4.19 32.39 -11.11
C VAL A 243 4.65 31.37 -10.07
N LEU A 244 5.83 31.56 -9.48
CA LEU A 244 6.36 30.60 -8.52
C LEU A 244 5.59 30.60 -7.21
N ILE A 245 4.75 31.59 -6.95
CA ILE A 245 4.01 31.64 -5.70
C ILE A 245 2.69 30.88 -5.79
N ILE A 246 2.04 30.88 -6.96
CA ILE A 246 0.72 30.29 -7.11
C ILE A 246 0.70 28.78 -6.89
N LEU A 247 1.87 28.13 -6.89
CA LEU A 247 1.91 26.68 -6.75
C LEU A 247 1.34 26.23 -5.40
N LEU A 248 1.60 27.01 -4.33
CA LEU A 248 1.10 26.60 -3.02
C LEU A 248 -0.42 26.70 -2.93
N PRO A 249 -1.07 27.80 -3.33
CA PRO A 249 -2.54 27.79 -3.38
C PRO A 249 -3.10 26.81 -4.41
N LEU A 250 -2.31 26.43 -5.41
CA LEU A 250 -2.78 25.43 -6.37
C LEU A 250 -2.81 24.05 -5.74
N GLN A 251 -1.81 23.72 -4.91
CA GLN A 251 -1.75 22.39 -4.32
C GLN A 251 -2.62 22.27 -3.07
N SER A 252 -2.82 23.37 -2.33
CA SER A 252 -3.65 23.29 -1.13
C SER A 252 -5.08 22.91 -1.47
N CYS A 253 -5.65 23.53 -2.50
CA CYS A 253 -7.02 23.21 -2.91
C CYS A 253 -7.12 21.77 -3.41
N PHE A 254 -6.12 21.32 -4.16
CA PHE A 254 -6.11 19.93 -4.62
C PHE A 254 -6.12 18.96 -3.44
N GLY A 255 -5.30 19.22 -2.43
CA GLY A 255 -5.29 18.34 -1.27
C GLY A 255 -6.60 18.36 -0.51
N LYS A 256 -7.14 19.54 -0.25
CA LYS A 256 -8.38 19.65 0.50
C LYS A 256 -9.59 19.14 -0.27
N LEU A 257 -9.47 19.01 -1.60
CA LEU A 257 -10.53 18.40 -2.38
C LEU A 257 -10.36 16.90 -2.52
N PHE A 258 -9.12 16.41 -2.49
CA PHE A 258 -8.86 14.97 -2.56
C PHE A 258 -9.20 14.27 -1.25
N SER A 259 -9.07 14.97 -0.12
CA SER A 259 -9.37 14.36 1.17
C SER A 259 -10.80 13.86 1.24
N SER A 260 -11.76 14.68 0.80
CA SER A 260 -13.17 14.30 0.89
C SER A 260 -13.49 13.11 -0.02
N LEU A 261 -12.91 13.09 -1.22
CA LEU A 261 -13.10 11.97 -2.12
C LEU A 261 -12.56 10.69 -1.50
N ARG A 262 -11.37 10.76 -0.89
CA ARG A 262 -10.83 9.58 -0.21
C ARG A 262 -11.77 9.11 0.90
N SER A 263 -12.28 10.05 1.70
CA SER A 263 -13.18 9.68 2.79
C SER A 263 -14.43 8.96 2.26
N LYS A 264 -15.03 9.51 1.20
CA LYS A 264 -16.28 8.94 0.72
C LYS A 264 -16.06 7.59 0.02
N THR A 265 -14.94 7.43 -0.69
CA THR A 265 -14.71 6.11 -1.28
C THR A 265 -14.39 5.08 -0.21
N ALA A 266 -13.75 5.50 0.90
CA ALA A 266 -13.53 4.56 2.01
C ALA A 266 -14.85 4.14 2.64
N THR A 267 -15.74 5.10 2.90
CA THR A 267 -17.03 4.75 3.48
C THR A 267 -17.91 4.00 2.50
N PHE A 268 -17.60 4.04 1.20
CA PHE A 268 -18.30 3.18 0.25
C PHE A 268 -17.77 1.75 0.27
N THR A 269 -16.44 1.58 0.31
CA THR A 269 -15.87 0.24 0.25
C THR A 269 -16.00 -0.52 1.57
N ASP A 270 -16.21 0.19 2.69
CA ASP A 270 -16.36 -0.50 3.97
C ASP A 270 -17.56 -1.46 3.95
N ALA A 271 -18.69 -1.02 3.39
CA ALA A 271 -19.87 -1.86 3.34
C ALA A 271 -19.64 -3.09 2.47
N ARG A 272 -18.92 -2.93 1.36
CA ARG A 272 -18.61 -4.07 0.50
C ARG A 272 -17.72 -5.07 1.24
N ILE A 273 -16.73 -4.57 1.98
CA ILE A 273 -15.89 -5.48 2.77
C ILE A 273 -16.71 -6.25 3.79
N ARG A 274 -17.64 -5.55 4.46
CA ARG A 274 -18.48 -6.22 5.46
C ARG A 274 -19.36 -7.28 4.80
N THR A 275 -19.95 -6.95 3.65
CA THR A 275 -20.82 -7.92 2.97
C THR A 275 -20.03 -9.13 2.51
N MET A 276 -18.80 -8.92 2.02
CA MET A 276 -17.96 -10.05 1.62
C MET A 276 -17.61 -10.93 2.82
N ASN A 277 -17.30 -10.30 3.96
CA ASN A 277 -17.03 -11.07 5.16
C ASN A 277 -18.25 -11.89 5.57
N GLU A 278 -19.45 -11.32 5.43
CA GLU A 278 -20.66 -12.05 5.75
C GLU A 278 -20.88 -13.21 4.79
N VAL A 279 -20.55 -13.01 3.51
CA VAL A 279 -20.77 -14.05 2.51
C VAL A 279 -19.82 -15.22 2.71
N ILE A 280 -18.54 -14.93 2.99
CA ILE A 280 -17.54 -15.99 3.10
C ILE A 280 -17.88 -16.92 4.27
N THR A 281 -18.25 -16.34 5.41
CA THR A 281 -18.62 -17.14 6.57
C THR A 281 -20.03 -17.68 6.40
N GLY A 282 -20.16 -19.00 6.38
CA GLY A 282 -21.46 -19.62 6.19
C GLY A 282 -21.75 -19.90 4.73
N ILE A 283 -20.77 -20.43 4.00
CA ILE A 283 -20.96 -20.71 2.59
C ILE A 283 -21.77 -21.97 2.38
N ARG A 284 -21.76 -22.89 3.36
CA ARG A 284 -22.47 -24.16 3.19
C ARG A 284 -23.98 -23.94 3.11
N ILE A 285 -24.53 -23.10 3.98
CA ILE A 285 -25.97 -22.87 3.97
C ILE A 285 -26.39 -22.16 2.69
N ILE A 286 -25.60 -21.18 2.24
CA ILE A 286 -25.93 -20.47 1.02
C ILE A 286 -25.86 -21.40 -0.18
N LYS A 287 -24.86 -22.27 -0.23
CA LYS A 287 -24.75 -23.23 -1.34
C LYS A 287 -25.87 -24.26 -1.28
N MET A 288 -26.36 -24.60 -0.09
CA MET A 288 -27.44 -25.56 0.04
C MET A 288 -28.78 -24.95 -0.31
N TYR A 289 -28.95 -23.64 -0.10
CA TYR A 289 -30.19 -22.96 -0.44
C TYR A 289 -30.20 -22.40 -1.85
N ALA A 290 -29.06 -22.37 -2.53
CA ALA A 290 -28.93 -21.80 -3.87
C ALA A 290 -29.36 -20.33 -3.89
N TRP A 291 -28.63 -19.52 -3.12
CA TRP A 291 -28.92 -18.10 -2.93
C TRP A 291 -27.70 -17.26 -3.27
N GLU A 292 -27.09 -17.53 -4.42
CA GLU A 292 -25.86 -16.83 -4.80
C GLU A 292 -26.12 -15.54 -5.58
N LYS A 293 -27.20 -15.49 -6.36
CA LYS A 293 -27.43 -14.34 -7.23
C LYS A 293 -27.67 -13.06 -6.44
N SER A 294 -28.34 -13.18 -5.28
CA SER A 294 -28.60 -12.00 -4.46
C SER A 294 -27.30 -11.35 -4.01
N PHE A 295 -26.39 -12.15 -3.44
CA PHE A 295 -25.10 -11.61 -3.01
C PHE A 295 -24.27 -11.15 -4.19
N SER A 296 -24.36 -11.84 -5.33
CA SER A 296 -23.63 -11.41 -6.52
C SER A 296 -24.05 -10.00 -6.92
N ASN A 297 -25.36 -9.74 -6.96
CA ASN A 297 -25.84 -8.41 -7.32
C ASN A 297 -25.47 -7.38 -6.26
N LEU A 298 -25.63 -7.74 -4.98
CA LEU A 298 -25.29 -6.81 -3.90
C LEU A 298 -23.81 -6.46 -3.88
N ILE A 299 -22.96 -7.34 -4.40
CA ILE A 299 -21.53 -7.04 -4.48
C ILE A 299 -21.20 -6.22 -5.73
N THR A 300 -21.79 -6.58 -6.88
CA THR A 300 -21.46 -5.87 -8.10
C THR A 300 -21.95 -4.42 -8.06
N ASN A 301 -23.07 -4.15 -7.39
CA ASN A 301 -23.54 -2.77 -7.28
C ASN A 301 -22.55 -1.92 -6.50
N LEU A 302 -22.09 -2.42 -5.35
CA LEU A 302 -21.14 -1.68 -4.55
C LEU A 302 -19.80 -1.53 -5.27
N ARG A 303 -19.40 -2.54 -6.04
CA ARG A 303 -18.16 -2.41 -6.82
C ARG A 303 -18.29 -1.34 -7.88
N LYS A 304 -19.43 -1.29 -8.57
CA LYS A 304 -19.67 -0.25 -9.56
C LYS A 304 -19.59 1.14 -8.93
N LYS A 305 -20.25 1.31 -7.77
CA LYS A 305 -20.21 2.61 -7.10
C LYS A 305 -18.80 2.97 -6.68
N GLU A 306 -18.04 2.00 -6.17
CA GLU A 306 -16.68 2.26 -5.73
C GLU A 306 -15.79 2.69 -6.89
N ILE A 307 -15.92 2.02 -8.04
CA ILE A 307 -15.13 2.41 -9.21
C ILE A 307 -15.52 3.81 -9.67
N SER A 308 -16.83 4.10 -9.68
CA SER A 308 -17.28 5.42 -10.08
C SER A 308 -16.74 6.51 -9.16
N LYS A 309 -16.56 6.20 -7.88
CA LYS A 309 -15.99 7.19 -6.97
C LYS A 309 -14.47 7.25 -7.03
N ILE A 310 -13.80 6.18 -7.44
CA ILE A 310 -12.35 6.20 -7.52
C ILE A 310 -11.86 6.90 -8.78
N LEU A 311 -12.63 6.82 -9.88
CA LEU A 311 -12.20 7.44 -11.13
C LEU A 311 -11.97 8.94 -10.96
N ARG A 312 -12.79 9.60 -10.15
CA ARG A 312 -12.65 11.04 -9.96
C ARG A 312 -11.32 11.39 -9.33
N SER A 313 -10.97 10.74 -8.21
CA SER A 313 -9.70 11.01 -7.56
C SER A 313 -8.52 10.62 -8.45
N SER A 314 -8.68 9.55 -9.25
CA SER A 314 -7.62 9.17 -10.17
C SER A 314 -7.36 10.28 -11.18
N CYS A 315 -8.42 10.81 -11.79
CA CYS A 315 -8.26 11.89 -12.76
C CYS A 315 -7.69 13.14 -12.09
N LEU A 316 -8.08 13.40 -10.85
CA LEU A 316 -7.56 14.58 -10.15
C LEU A 316 -6.06 14.46 -9.91
N ARG A 317 -5.62 13.29 -9.45
CA ARG A 317 -4.18 13.09 -9.22
C ARG A 317 -3.41 13.14 -10.54
N GLY A 318 -4.01 12.62 -11.61
CA GLY A 318 -3.36 12.71 -12.91
C GLY A 318 -3.18 14.15 -13.37
N MET A 319 -4.23 14.97 -13.19
CA MET A 319 -4.11 16.38 -13.52
C MET A 319 -3.05 17.06 -12.66
N ASN A 320 -2.96 16.68 -11.38
CA ASN A 320 -1.94 17.25 -10.51
C ASN A 320 -0.54 16.93 -11.02
N LEU A 321 -0.30 15.66 -11.39
CA LEU A 321 1.01 15.28 -11.90
C LEU A 321 1.32 16.00 -13.21
N ALA A 322 0.33 16.12 -14.09
CA ALA A 322 0.55 16.80 -15.37
C ALA A 322 0.87 18.27 -15.15
N SER A 323 0.24 18.90 -14.17
CA SER A 323 0.51 20.31 -13.88
C SER A 323 1.89 20.47 -13.25
N PHE A 324 2.31 19.50 -12.42
CA PHE A 324 3.63 19.60 -11.80
C PHE A 324 4.75 19.32 -12.80
N PHE A 325 4.48 18.51 -13.82
CA PHE A 325 5.54 18.14 -14.77
C PHE A 325 6.00 19.32 -15.60
N SER A 326 5.10 20.26 -15.91
CA SER A 326 5.42 21.32 -16.86
C SER A 326 5.22 22.70 -16.26
N ALA A 327 5.72 22.91 -15.04
CA ALA A 327 5.69 24.23 -14.42
C ALA A 327 6.96 25.03 -14.69
N SER A 328 8.04 24.38 -15.11
CA SER A 328 9.29 25.06 -15.40
C SER A 328 9.32 25.70 -16.78
N LYS A 329 8.28 25.51 -17.58
CA LYS A 329 8.24 26.10 -18.92
C LYS A 329 7.47 27.42 -18.94
N ILE A 330 6.38 27.51 -18.19
CA ILE A 330 5.57 28.73 -18.17
C ILE A 330 6.39 29.90 -17.61
N ILE A 331 7.16 29.65 -16.56
CA ILE A 331 7.98 30.71 -15.96
C ILE A 331 8.97 31.26 -16.97
N VAL A 332 9.70 30.37 -17.63
CA VAL A 332 10.71 30.78 -18.61
C VAL A 332 10.04 31.54 -19.76
N PHE A 333 8.94 31.00 -20.28
CA PHE A 333 8.25 31.66 -21.38
C PHE A 333 7.83 33.07 -20.99
N VAL A 334 7.20 33.22 -19.82
CA VAL A 334 6.71 34.52 -19.41
C VAL A 334 7.85 35.51 -19.20
N THR A 335 8.90 35.08 -18.48
CA THR A 335 9.97 36.02 -18.18
C THR A 335 10.70 36.45 -19.44
N PHE A 336 10.92 35.54 -20.40
CA PHE A 336 11.65 35.93 -21.59
C PHE A 336 10.77 36.70 -22.56
N THR A 337 9.47 36.42 -22.62
CA THR A 337 8.58 37.27 -23.40
C THR A 337 8.56 38.69 -22.87
N THR A 338 8.49 38.84 -21.54
CA THR A 338 8.50 40.19 -20.96
C THR A 338 9.84 40.87 -21.19
N TYR A 339 10.94 40.11 -21.11
CA TYR A 339 12.26 40.69 -21.31
C TYR A 339 12.49 41.13 -22.75
N VAL A 340 11.91 40.40 -23.71
CA VAL A 340 12.12 40.77 -25.12
C VAL A 340 11.16 41.87 -25.54
N LEU A 341 9.93 41.86 -25.02
CA LEU A 341 8.94 42.86 -25.43
C LEU A 341 9.31 44.27 -24.97
N LEU A 342 10.22 44.41 -24.01
CA LEU A 342 10.60 45.74 -23.54
C LEU A 342 11.46 46.47 -24.59
N GLY A 343 12.32 45.73 -25.28
CA GLY A 343 13.17 46.34 -26.28
C GLY A 343 14.60 45.84 -26.22
N SER A 344 14.87 44.88 -25.34
CA SER A 344 16.20 44.32 -25.21
C SER A 344 16.45 43.27 -26.28
N VAL A 345 17.70 42.83 -26.36
CA VAL A 345 18.14 41.83 -27.34
C VAL A 345 18.59 40.60 -26.58
N ILE A 346 18.30 39.42 -27.14
CA ILE A 346 18.59 38.16 -26.47
C ILE A 346 20.07 37.82 -26.67
N THR A 347 20.67 37.24 -25.64
CA THR A 347 22.06 36.78 -25.69
C THR A 347 22.15 35.38 -25.12
N ALA A 348 23.12 34.62 -25.60
CA ALA A 348 23.28 33.22 -25.21
C ALA A 348 23.97 33.05 -23.86
N SER A 349 24.37 34.14 -23.19
CA SER A 349 25.01 34.06 -21.89
C SER A 349 24.10 34.46 -20.74
N ARG A 350 22.97 35.12 -21.03
CA ARG A 350 22.04 35.54 -20.00
C ARG A 350 20.81 34.66 -19.89
N VAL A 351 20.60 33.75 -20.83
CA VAL A 351 19.39 32.93 -20.82
C VAL A 351 19.60 31.67 -19.99
N PHE A 352 20.72 30.96 -20.20
CA PHE A 352 20.92 29.69 -19.52
C PHE A 352 21.23 29.87 -18.05
N VAL A 353 21.86 30.97 -17.67
CA VAL A 353 22.08 31.25 -16.25
C VAL A 353 20.75 31.43 -15.53
N ALA A 354 19.84 32.18 -16.14
CA ALA A 354 18.51 32.37 -15.55
C ALA A 354 17.75 31.06 -15.51
N VAL A 355 17.86 30.25 -16.56
CA VAL A 355 17.18 28.95 -16.58
C VAL A 355 17.68 28.08 -15.43
N THR A 356 19.00 28.02 -15.25
CA THR A 356 19.58 27.21 -14.18
C THR A 356 19.16 27.71 -12.81
N LEU A 357 19.15 29.04 -12.61
CA LEU A 357 18.74 29.58 -11.32
C LEU A 357 17.28 29.26 -11.02
N TYR A 358 16.40 29.43 -12.02
CA TYR A 358 15.00 29.08 -11.83
C TYR A 358 14.84 27.61 -11.48
N GLY A 359 15.52 26.74 -12.21
CA GLY A 359 15.43 25.32 -11.93
C GLY A 359 15.98 24.94 -10.57
N ALA A 360 16.97 25.69 -10.09
CA ALA A 360 17.54 25.39 -8.78
C ALA A 360 16.68 25.91 -7.64
N VAL A 361 15.91 26.96 -7.87
CA VAL A 361 15.10 27.53 -6.78
C VAL A 361 13.73 26.87 -6.70
N ARG A 362 13.07 26.61 -7.85
CA ARG A 362 11.68 26.18 -7.80
C ARG A 362 11.54 24.79 -7.19
N LEU A 363 12.32 23.83 -7.66
CA LEU A 363 12.24 22.48 -7.13
C LEU A 363 12.62 22.46 -5.66
N THR A 364 13.70 23.14 -5.31
CA THR A 364 14.14 23.20 -3.91
C THR A 364 13.02 23.69 -3.01
N VAL A 365 12.45 24.87 -3.31
CA VAL A 365 11.43 25.42 -2.43
C VAL A 365 10.21 24.53 -2.39
N THR A 366 9.65 24.18 -3.56
CA THR A 366 8.37 23.48 -3.60
C THR A 366 8.48 22.01 -3.18
N LEU A 367 9.68 21.49 -2.98
CA LEU A 367 9.83 20.13 -2.50
C LEU A 367 10.36 20.04 -1.08
N PHE A 368 11.03 21.07 -0.58
CA PHE A 368 11.61 21.03 0.76
C PHE A 368 10.87 21.88 1.79
N PHE A 369 10.31 23.03 1.40
CA PHE A 369 9.70 23.90 2.41
C PHE A 369 8.38 23.37 2.95
N PRO A 370 7.44 22.88 2.13
CA PRO A 370 6.14 22.47 2.70
C PRO A 370 6.22 21.33 3.70
N SER A 371 7.15 20.39 3.52
CA SER A 371 7.20 19.22 4.40
C SER A 371 7.84 19.53 5.74
N ALA A 372 8.74 20.52 5.79
CA ALA A 372 9.45 20.82 7.02
C ALA A 372 8.49 21.32 8.10
N ILE A 373 7.49 22.11 7.71
CA ILE A 373 6.54 22.63 8.68
C ILE A 373 5.73 21.50 9.30
N GLU A 374 5.29 20.54 8.47
CA GLU A 374 4.55 19.40 8.99
C GLU A 374 5.42 18.55 9.91
N ARG A 375 6.67 18.31 9.51
CA ARG A 375 7.56 17.54 10.37
C ARG A 375 7.76 18.21 11.72
N VAL A 376 7.96 19.54 11.71
CA VAL A 376 8.20 20.26 12.95
C VAL A 376 6.94 20.24 13.83
N SER A 377 5.77 20.41 13.22
CA SER A 377 4.53 20.37 14.01
C SER A 377 4.32 19.01 14.65
N GLU A 378 4.56 17.93 13.89
CA GLU A 378 4.42 16.59 14.45
C GLU A 378 5.41 16.36 15.58
N ALA A 379 6.66 16.79 15.41
CA ALA A 379 7.65 16.64 16.47
C ALA A 379 7.23 17.42 17.72
N ILE A 380 6.68 18.61 17.54
CA ILE A 380 6.29 19.43 18.68
C ILE A 380 5.14 18.79 19.44
N VAL A 381 4.13 18.28 18.71
CA VAL A 381 3.00 17.67 19.41
C VAL A 381 3.43 16.36 20.08
N SER A 382 4.38 15.63 19.49
CA SER A 382 4.89 14.43 20.14
C SER A 382 5.63 14.77 21.42
N ILE A 383 6.48 15.80 21.38
CA ILE A 383 7.19 16.22 22.58
C ILE A 383 6.21 16.68 23.65
N ARG A 384 5.14 17.37 23.23
CA ARG A 384 4.13 17.81 24.20
C ARG A 384 3.45 16.62 24.88
N ARG A 385 3.07 15.62 24.09
CA ARG A 385 2.44 14.43 24.66
C ARG A 385 3.37 13.73 25.64
N ILE A 386 4.63 13.53 25.24
CA ILE A 386 5.57 12.83 26.11
C ILE A 386 5.85 13.64 27.37
N GLN A 387 5.81 14.97 27.27
CA GLN A 387 6.02 15.81 28.45
C GLN A 387 4.84 15.69 29.41
N THR A 388 3.61 15.75 28.89
CA THR A 388 2.45 15.57 29.75
C THR A 388 2.35 14.16 30.32
N PHE A 389 3.00 13.18 29.70
CA PHE A 389 3.00 11.84 30.28
C PHE A 389 3.92 11.74 31.49
N LEU A 390 5.07 12.41 31.44
CA LEU A 390 6.09 12.29 32.48
C LEU A 390 5.80 13.15 33.71
N LEU A 391 4.58 13.66 33.86
CA LEU A 391 4.22 14.50 34.99
C LEU A 391 3.15 13.82 35.84
N LEU A 392 3.30 12.53 36.08
CA LEU A 392 2.36 11.77 36.88
C LEU A 392 2.87 11.63 38.31
N ASP A 393 2.02 11.06 39.17
CA ASP A 393 2.35 10.91 40.58
C ASP A 393 3.37 9.78 40.77
N GLU A 394 3.77 9.58 42.01
CA GLU A 394 4.77 8.57 42.37
C GLU A 394 4.25 7.74 43.53
N ILE A 395 5.03 6.73 43.90
CA ILE A 395 4.69 5.84 45.00
C ILE A 395 5.26 6.39 46.29
N SER A 396 4.73 5.91 47.42
CA SER A 396 5.19 6.34 48.73
C SER A 396 6.36 5.48 49.21
N VAL A 696 8.75 -11.76 -9.20
CA VAL A 696 7.78 -11.86 -10.29
C VAL A 696 8.50 -12.12 -11.61
N GLY A 697 7.71 -12.29 -12.67
CA GLY A 697 8.24 -12.54 -14.00
C GLY A 697 7.52 -11.69 -15.03
N PHE A 698 7.96 -11.84 -16.29
CA PHE A 698 7.35 -11.09 -17.37
C PHE A 698 5.90 -11.47 -17.58
N GLN A 699 5.53 -12.71 -17.24
CA GLN A 699 4.14 -13.12 -17.35
C GLN A 699 3.25 -12.36 -16.38
N ALA A 700 3.78 -12.04 -15.19
CA ALA A 700 3.01 -11.27 -14.22
C ALA A 700 2.71 -9.87 -14.73
N TYR A 701 3.60 -9.31 -15.57
CA TYR A 701 3.33 -8.02 -16.17
C TYR A 701 2.41 -8.14 -17.38
N LYS A 702 2.59 -9.19 -18.17
CA LYS A 702 1.76 -9.38 -19.36
C LYS A 702 0.30 -9.61 -18.99
N ASN A 703 0.04 -10.48 -18.02
CA ASN A 703 -1.33 -10.75 -17.60
C ASN A 703 -1.99 -9.54 -16.96
N TYR A 704 -1.20 -8.62 -16.41
CA TYR A 704 -1.76 -7.42 -15.80
C TYR A 704 -1.97 -6.28 -16.80
N PHE A 705 -1.15 -6.22 -17.85
CA PHE A 705 -1.28 -5.15 -18.84
C PHE A 705 -2.27 -5.49 -19.95
N ARG A 706 -2.30 -6.75 -20.40
CA ARG A 706 -3.14 -7.13 -21.53
C ARG A 706 -4.63 -7.18 -21.18
N ALA A 707 -5.00 -6.90 -19.92
CA ALA A 707 -6.39 -6.90 -19.50
C ALA A 707 -6.94 -5.49 -19.33
N GLY A 708 -6.35 -4.50 -20.00
CA GLY A 708 -6.82 -3.14 -19.89
C GLY A 708 -7.34 -2.56 -21.19
N ALA A 709 -6.76 -2.98 -22.31
CA ALA A 709 -7.16 -2.51 -23.63
C ALA A 709 -6.44 -3.35 -24.67
N HIS A 710 -6.72 -3.07 -25.94
CA HIS A 710 -6.09 -3.79 -27.04
C HIS A 710 -4.64 -3.34 -27.19
N TRP A 711 -3.96 -3.89 -28.19
CA TRP A 711 -2.59 -3.49 -28.47
C TRP A 711 -2.51 -2.13 -29.18
N ILE A 712 -3.57 -1.74 -29.89
CA ILE A 712 -3.55 -0.45 -30.57
C ILE A 712 -3.55 0.69 -29.56
N VAL A 713 -4.20 0.51 -28.41
CA VAL A 713 -4.16 1.53 -27.37
C VAL A 713 -2.77 1.65 -26.79
N PHE A 714 -2.06 0.52 -26.65
CA PHE A 714 -0.68 0.58 -26.16
C PHE A 714 0.22 1.26 -27.18
N ILE A 715 0.00 1.00 -28.48
CA ILE A 715 0.78 1.68 -29.52
C ILE A 715 0.52 3.18 -29.48
N PHE A 716 -0.75 3.57 -29.31
CA PHE A 716 -1.07 4.99 -29.22
C PHE A 716 -0.43 5.63 -28.00
N LEU A 717 -0.40 4.90 -26.88
CA LEU A 717 0.24 5.44 -25.68
C LEU A 717 1.74 5.59 -25.87
N ILE A 718 2.38 4.62 -26.52
CA ILE A 718 3.81 4.72 -26.80
C ILE A 718 4.08 5.91 -27.72
N LEU A 719 3.20 6.13 -28.70
CA LEU A 719 3.38 7.27 -29.60
C LEU A 719 3.19 8.59 -28.86
N LEU A 720 2.24 8.65 -27.94
CA LEU A 720 2.00 9.89 -27.21
C LEU A 720 3.04 10.15 -26.12
N ASN A 721 3.74 9.11 -25.65
CA ASN A 721 4.76 9.32 -24.65
C ASN A 721 5.93 10.13 -25.19
N THR A 722 6.30 9.91 -26.45
CA THR A 722 7.48 10.52 -27.05
C THR A 722 7.15 11.78 -27.84
N ALA A 723 6.16 12.54 -27.40
CA ALA A 723 5.84 13.84 -27.99
C ALA A 723 5.98 14.98 -27.00
N ALA A 724 5.54 14.79 -25.75
CA ALA A 724 5.72 15.82 -24.74
C ALA A 724 7.19 16.12 -24.52
N GLN A 725 8.04 15.08 -24.50
CA GLN A 725 9.46 15.30 -24.29
C GLN A 725 10.11 15.96 -25.50
N VAL A 726 9.67 15.59 -26.71
CA VAL A 726 10.19 16.24 -27.91
C VAL A 726 9.85 17.72 -27.88
N ALA A 727 8.64 18.07 -27.47
CA ALA A 727 8.29 19.48 -27.32
C ALA A 727 9.12 20.15 -26.23
N TYR A 728 9.35 19.44 -25.12
CA TYR A 728 10.17 19.97 -24.03
C TYR A 728 11.56 20.33 -24.49
N VAL A 729 12.15 19.50 -25.36
CA VAL A 729 13.50 19.77 -25.84
C VAL A 729 13.50 20.84 -26.94
N LEU A 730 12.48 20.82 -27.81
CA LEU A 730 12.44 21.78 -28.90
C LEU A 730 12.20 23.19 -28.39
N GLN A 731 11.46 23.35 -27.29
CA GLN A 731 11.27 24.68 -26.73
C GLN A 731 12.60 25.30 -26.31
N ASP A 732 13.49 24.49 -25.75
CA ASP A 732 14.81 25.00 -25.36
C ASP A 732 15.70 25.21 -26.58
N TRP A 733 15.61 24.31 -27.56
CA TRP A 733 16.45 24.46 -28.75
C TRP A 733 16.09 25.72 -29.54
N TRP A 734 14.81 26.11 -29.53
CA TRP A 734 14.41 27.29 -30.28
C TRP A 734 15.09 28.55 -29.77
N LEU A 735 15.32 28.63 -28.46
CA LEU A 735 15.97 29.81 -27.90
C LEU A 735 17.44 29.88 -28.32
N SER A 736 18.12 28.74 -28.35
CA SER A 736 19.49 28.72 -28.85
C SER A 736 19.55 29.08 -30.32
N TYR A 737 18.57 28.62 -31.10
CA TYR A 737 18.52 29.01 -32.51
C TYR A 737 18.30 30.51 -32.65
N TRP A 738 17.43 31.08 -31.81
CA TRP A 738 17.21 32.52 -31.81
C TRP A 738 18.50 33.27 -31.51
N ALA A 739 19.23 32.83 -30.49
CA ALA A 739 20.48 33.50 -30.12
C ALA A 739 21.51 33.41 -31.24
N ASN A 740 21.63 32.23 -31.87
CA ASN A 740 22.58 32.08 -32.97
C ASN A 740 22.21 32.95 -34.16
N LYS A 741 20.92 33.05 -34.47
CA LYS A 741 20.51 33.91 -35.58
C LYS A 741 20.71 35.38 -35.25
N GLN A 742 20.57 35.77 -33.98
CA GLN A 742 20.80 37.16 -33.60
C GLN A 742 22.27 37.51 -33.66
N SER A 743 23.14 36.61 -33.22
CA SER A 743 24.58 36.89 -33.16
C SER A 743 25.21 37.05 -34.54
N MET A 744 24.50 36.71 -35.61
CA MET A 744 25.06 36.78 -36.96
C MET A 744 24.88 38.15 -37.60
N LEU A 745 24.22 39.09 -36.93
CA LEU A 745 24.01 40.41 -37.51
C LEU A 745 25.33 41.18 -37.56
N ASN A 746 25.31 42.28 -38.31
CA ASN A 746 26.48 43.14 -38.46
C ASN A 746 26.14 44.59 -38.15
N THR A 756 20.18 48.65 -37.24
CA THR A 756 19.13 48.44 -38.23
C THR A 756 18.95 46.96 -38.55
N GLU A 757 18.27 46.69 -39.66
CA GLU A 757 17.90 45.33 -40.09
C GLU A 757 17.49 44.45 -38.92
N LYS A 758 16.48 44.93 -38.18
CA LYS A 758 16.01 44.22 -37.01
C LYS A 758 15.34 42.90 -37.40
N LEU A 759 14.97 42.13 -36.37
CA LEU A 759 14.31 40.85 -36.55
C LEU A 759 12.83 40.99 -36.23
N ASP A 760 11.98 40.42 -37.08
CA ASP A 760 10.55 40.44 -36.82
C ASP A 760 10.22 39.57 -35.62
N LEU A 761 9.31 40.05 -34.77
CA LEU A 761 8.97 39.34 -33.55
C LEU A 761 7.80 38.38 -33.73
N ASN A 762 6.98 38.56 -34.78
CA ASN A 762 5.80 37.73 -34.96
C ASN A 762 6.16 36.26 -35.07
N TRP A 763 7.10 35.92 -35.95
CA TRP A 763 7.46 34.53 -36.17
C TRP A 763 8.07 33.92 -34.90
N TYR A 764 9.06 34.61 -34.32
CA TYR A 764 9.79 34.08 -33.18
C TYR A 764 8.93 33.97 -31.94
N LEU A 765 7.87 34.76 -31.83
CA LEU A 765 6.97 34.64 -30.69
C LEU A 765 5.87 33.61 -30.94
N GLY A 766 5.36 33.52 -32.16
CA GLY A 766 4.33 32.54 -32.45
C GLY A 766 4.84 31.12 -32.33
N ILE A 767 6.03 30.85 -32.90
CA ILE A 767 6.60 29.50 -32.79
C ILE A 767 6.85 29.15 -31.33
N TYR A 768 7.31 30.13 -30.54
CA TYR A 768 7.58 29.88 -29.13
C TYR A 768 6.30 29.56 -28.37
N SER A 769 5.22 30.31 -28.65
CA SER A 769 3.96 30.04 -27.98
C SER A 769 3.40 28.67 -28.37
N GLY A 770 3.53 28.29 -29.64
CA GLY A 770 3.08 26.98 -30.06
C GLY A 770 3.84 25.86 -29.37
N LEU A 771 5.17 25.97 -29.33
CA LEU A 771 5.99 24.98 -28.64
C LEU A 771 5.68 24.95 -27.15
N THR A 772 5.21 26.07 -26.59
CA THR A 772 4.84 26.07 -25.18
C THR A 772 3.51 25.34 -24.94
N VAL A 773 2.53 25.58 -25.80
CA VAL A 773 1.20 24.99 -25.59
C VAL A 773 1.23 23.48 -25.85
N ALA A 774 1.98 23.05 -26.87
CA ALA A 774 2.03 21.64 -27.21
C ALA A 774 2.52 20.79 -26.04
N THR A 775 3.48 21.32 -25.27
CA THR A 775 4.01 20.57 -24.14
C THR A 775 2.94 20.31 -23.08
N VAL A 776 2.16 21.35 -22.75
CA VAL A 776 1.11 21.18 -21.75
C VAL A 776 0.06 20.19 -22.23
N LEU A 777 -0.33 20.29 -23.50
CA LEU A 777 -1.36 19.37 -24.00
C LEU A 777 -0.89 17.93 -23.96
N PHE A 778 0.33 17.68 -24.45
CA PHE A 778 0.86 16.32 -24.46
C PHE A 778 1.24 15.83 -23.08
N GLY A 779 1.37 16.73 -22.10
CA GLY A 779 1.59 16.30 -20.74
C GLY A 779 0.31 15.93 -20.01
N ILE A 780 -0.80 16.57 -20.35
CA ILE A 780 -2.07 16.24 -19.72
C ILE A 780 -2.66 14.96 -20.30
N ALA A 781 -2.65 14.85 -21.64
CA ALA A 781 -3.34 13.74 -22.30
C ALA A 781 -2.73 12.40 -21.90
N ARG A 782 -1.40 12.32 -21.89
CA ARG A 782 -0.72 11.07 -21.56
C ARG A 782 -1.07 10.60 -20.15
N SER A 783 -1.05 11.52 -19.19
CA SER A 783 -1.35 11.17 -17.81
C SER A 783 -2.78 10.67 -17.67
N LEU A 784 -3.74 11.37 -18.28
CA LEU A 784 -5.13 10.94 -18.20
C LEU A 784 -5.31 9.55 -18.79
N LEU A 785 -4.74 9.32 -19.98
CA LEU A 785 -4.88 8.02 -20.63
C LEU A 785 -4.26 6.91 -19.79
N VAL A 786 -3.08 7.15 -19.24
CA VAL A 786 -2.41 6.13 -18.43
C VAL A 786 -3.24 5.77 -17.22
N PHE A 787 -3.78 6.78 -16.52
CA PHE A 787 -4.57 6.50 -15.33
C PHE A 787 -5.83 5.71 -15.67
N TYR A 788 -6.53 6.10 -16.75
CA TYR A 788 -7.72 5.36 -17.13
C TYR A 788 -7.39 3.90 -17.45
N VAL A 789 -6.34 3.68 -18.25
CA VAL A 789 -5.98 2.33 -18.66
C VAL A 789 -5.62 1.48 -17.46
N LEU A 790 -4.88 2.05 -16.50
CA LEU A 790 -4.45 1.26 -15.35
C LEU A 790 -5.55 1.05 -14.32
N VAL A 791 -6.61 1.87 -14.33
CA VAL A 791 -7.73 1.60 -13.43
C VAL A 791 -8.66 0.54 -14.03
N ASN A 792 -8.85 0.57 -15.34
CA ASN A 792 -9.75 -0.39 -15.98
C ASN A 792 -9.31 -1.83 -15.74
N SER A 793 -8.00 -2.07 -15.60
CA SER A 793 -7.51 -3.42 -15.40
C SER A 793 -8.01 -4.00 -14.09
N SER A 794 -7.83 -3.26 -12.99
CA SER A 794 -8.36 -3.72 -11.70
C SER A 794 -9.88 -3.84 -11.74
N GLN A 795 -10.54 -2.88 -12.41
CA GLN A 795 -12.00 -2.93 -12.49
C GLN A 795 -12.48 -4.22 -13.14
N THR A 796 -11.78 -4.68 -14.17
CA THR A 796 -12.16 -5.91 -14.85
C THR A 796 -11.56 -7.17 -14.23
N LEU A 797 -10.60 -7.03 -13.32
CA LEU A 797 -10.01 -8.19 -12.66
C LEU A 797 -10.77 -8.60 -11.41
N HIS A 798 -11.31 -7.63 -10.66
CA HIS A 798 -12.05 -7.98 -9.45
C HIS A 798 -13.26 -8.85 -9.77
N ASN A 799 -13.95 -8.56 -10.88
CA ASN A 799 -15.12 -9.33 -11.26
C ASN A 799 -14.76 -10.79 -11.52
N LYS A 800 -13.66 -11.02 -12.25
CA LYS A 800 -13.21 -12.38 -12.49
C LYS A 800 -12.85 -13.09 -11.20
N MET A 801 -12.16 -12.38 -10.29
CA MET A 801 -11.83 -12.98 -9.00
C MET A 801 -13.08 -13.43 -8.26
N PHE A 802 -14.08 -12.54 -8.14
CA PHE A 802 -15.27 -12.87 -7.39
C PHE A 802 -16.07 -13.99 -8.06
N GLU A 803 -16.21 -13.95 -9.38
CA GLU A 803 -16.94 -14.99 -10.08
C GLU A 803 -16.23 -16.34 -9.95
N SER A 804 -14.91 -16.35 -9.89
CA SER A 804 -14.19 -17.62 -9.73
C SER A 804 -14.31 -18.14 -8.31
N ILE A 805 -14.31 -17.25 -7.31
CA ILE A 805 -14.43 -17.72 -5.93
C ILE A 805 -15.86 -18.06 -5.55
N LEU A 806 -16.84 -17.63 -6.34
CA LEU A 806 -18.23 -17.99 -6.05
C LEU A 806 -18.61 -19.37 -6.53
N LYS A 807 -17.69 -20.13 -7.14
CA LYS A 807 -18.00 -21.46 -7.64
C LYS A 807 -17.00 -22.51 -7.17
N ALA A 808 -16.32 -22.27 -6.05
CA ALA A 808 -15.39 -23.26 -5.55
C ALA A 808 -16.10 -24.24 -4.63
N PRO A 809 -15.67 -25.51 -4.61
CA PRO A 809 -16.31 -26.49 -3.74
C PRO A 809 -16.04 -26.21 -2.28
N VAL A 810 -16.77 -26.93 -1.43
CA VAL A 810 -16.61 -26.78 0.02
C VAL A 810 -15.25 -27.30 0.48
N LEU A 811 -14.63 -28.20 -0.29
CA LEU A 811 -13.32 -28.71 0.07
C LEU A 811 -12.29 -27.61 0.13
N PHE A 812 -12.34 -26.67 -0.83
CA PHE A 812 -11.42 -25.54 -0.79
C PHE A 812 -11.73 -24.60 0.36
N PHE A 813 -13.00 -24.49 0.75
CA PHE A 813 -13.38 -23.58 1.81
C PHE A 813 -13.01 -24.08 3.19
N ASP A 814 -13.07 -25.39 3.41
CA ASP A 814 -12.77 -25.92 4.75
C ASP A 814 -11.29 -25.97 5.05
N ARG A 815 -10.42 -25.96 4.03
CA ARG A 815 -8.98 -26.04 4.25
C ARG A 815 -8.32 -24.67 4.34
N ASN A 816 -9.09 -23.58 4.30
CA ASN A 816 -8.54 -22.24 4.39
C ASN A 816 -9.39 -21.39 5.33
N PRO A 817 -8.76 -20.60 6.19
CA PRO A 817 -9.52 -19.76 7.13
C PRO A 817 -10.19 -18.60 6.41
N ILE A 818 -11.10 -17.95 7.14
CA ILE A 818 -11.86 -16.84 6.58
C ILE A 818 -11.03 -15.56 6.61
N GLY A 819 -10.26 -15.35 7.68
CA GLY A 819 -9.48 -14.13 7.79
C GLY A 819 -8.50 -13.94 6.67
N ARG A 820 -7.90 -15.05 6.20
CA ARG A 820 -6.95 -14.96 5.09
C ARG A 820 -7.61 -14.42 3.83
N ILE A 821 -8.72 -15.03 3.42
CA ILE A 821 -9.40 -14.61 2.19
C ILE A 821 -9.95 -13.20 2.34
N LEU A 822 -10.44 -12.84 3.52
CA LEU A 822 -10.95 -11.49 3.73
C LEU A 822 -9.84 -10.45 3.62
N ASN A 823 -8.72 -10.70 4.30
CA ASN A 823 -7.57 -9.80 4.20
C ASN A 823 -7.07 -9.70 2.76
N ARG A 824 -7.13 -10.80 2.02
CA ARG A 824 -6.79 -10.76 0.61
C ARG A 824 -7.71 -9.80 -0.15
N PHE A 825 -9.01 -10.09 -0.14
CA PHE A 825 -10.00 -9.27 -0.85
C PHE A 825 -9.93 -7.81 -0.47
N SER A 826 -9.49 -7.51 0.76
CA SER A 826 -9.38 -6.10 1.15
C SER A 826 -8.06 -5.50 0.65
N LYS A 827 -6.93 -6.04 1.12
CA LYS A 827 -5.65 -5.37 0.93
C LYS A 827 -5.18 -5.42 -0.51
N ASP A 828 -5.35 -6.55 -1.20
CA ASP A 828 -4.87 -6.63 -2.57
C ASP A 828 -5.62 -5.68 -3.48
N ILE A 829 -6.94 -5.60 -3.32
CA ILE A 829 -7.72 -4.68 -4.14
C ILE A 829 -7.39 -3.23 -3.78
N GLY A 830 -7.18 -2.95 -2.49
CA GLY A 830 -6.76 -1.61 -2.11
C GLY A 830 -5.45 -1.20 -2.78
N HIS A 831 -4.48 -2.11 -2.78
CA HIS A 831 -3.19 -1.82 -3.41
C HIS A 831 -3.33 -1.69 -4.92
N LEU A 832 -4.16 -2.51 -5.54
CA LEU A 832 -4.36 -2.41 -6.98
C LEU A 832 -5.06 -1.12 -7.37
N ASP A 833 -5.88 -0.55 -6.47
CA ASP A 833 -6.64 0.64 -6.79
C ASP A 833 -6.01 1.92 -6.27
N ASP A 834 -4.97 1.85 -5.46
CA ASP A 834 -4.44 3.04 -4.79
C ASP A 834 -3.04 3.44 -5.25
N LEU A 835 -2.06 2.53 -5.20
CA LEU A 835 -0.66 2.93 -5.31
C LEU A 835 0.03 2.55 -6.61
N LEU A 836 -0.55 1.69 -7.44
CA LEU A 836 0.17 1.25 -8.63
C LEU A 836 0.20 2.30 -9.74
N PRO A 837 -0.91 2.92 -10.15
CA PRO A 837 -0.83 3.87 -11.28
C PRO A 837 0.07 5.06 -11.02
N LEU A 838 0.00 5.62 -9.81
CA LEU A 838 0.86 6.75 -9.46
C LEU A 838 2.33 6.39 -9.60
N THR A 839 2.72 5.24 -9.03
CA THR A 839 4.11 4.82 -9.08
C THR A 839 4.55 4.54 -10.51
N PHE A 840 3.71 3.87 -11.30
CA PHE A 840 4.09 3.58 -12.68
C PHE A 840 4.27 4.85 -13.49
N LEU A 841 3.36 5.81 -13.33
CA LEU A 841 3.47 7.07 -14.07
C LEU A 841 4.72 7.83 -13.66
N ASP A 842 5.00 7.91 -12.36
CA ASP A 842 6.20 8.59 -11.91
C ASP A 842 7.45 7.92 -12.47
N PHE A 843 7.49 6.59 -12.44
CA PHE A 843 8.66 5.87 -12.94
C PHE A 843 8.89 6.14 -14.42
N ILE A 844 7.84 6.01 -15.25
CA ILE A 844 8.03 6.18 -16.68
C ILE A 844 8.40 7.62 -17.01
N GLN A 845 7.80 8.58 -16.31
CA GLN A 845 8.12 9.99 -16.57
C GLN A 845 9.57 10.30 -16.21
N THR A 846 10.02 9.83 -15.04
CA THR A 846 11.38 10.11 -14.63
C THR A 846 12.40 9.39 -15.50
N LEU A 847 12.04 8.20 -16.03
CA LEU A 847 12.95 7.53 -16.96
C LEU A 847 13.05 8.27 -18.28
N LEU A 848 11.91 8.73 -18.81
CA LEU A 848 11.93 9.46 -20.07
C LEU A 848 12.73 10.74 -19.95
N GLN A 849 12.64 11.43 -18.80
CA GLN A 849 13.39 12.66 -18.63
C GLN A 849 14.89 12.42 -18.72
N VAL A 850 15.39 11.38 -18.05
CA VAL A 850 16.81 11.07 -18.08
C VAL A 850 17.24 10.65 -19.48
N VAL A 851 16.40 9.86 -20.17
CA VAL A 851 16.73 9.46 -21.54
C VAL A 851 16.85 10.68 -22.43
N GLY A 852 15.93 11.64 -22.29
CA GLY A 852 15.99 12.84 -23.11
C GLY A 852 17.20 13.69 -22.80
N VAL A 853 17.57 13.78 -21.53
CA VAL A 853 18.76 14.54 -21.15
C VAL A 853 20.01 13.94 -21.77
N VAL A 854 20.14 12.61 -21.68
CA VAL A 854 21.31 11.95 -22.27
C VAL A 854 21.31 12.13 -23.78
N SER A 855 20.13 12.07 -24.41
CA SER A 855 20.07 12.22 -25.86
C SER A 855 20.47 13.62 -26.30
N VAL A 856 19.98 14.65 -25.60
CA VAL A 856 20.33 16.01 -26.01
C VAL A 856 21.80 16.30 -25.69
N ALA A 857 22.36 15.62 -24.69
CA ALA A 857 23.78 15.80 -24.42
C ALA A 857 24.64 15.13 -25.48
N VAL A 858 24.20 13.97 -26.00
CA VAL A 858 24.99 13.26 -27.00
C VAL A 858 24.84 13.91 -28.38
N ALA A 859 23.67 14.47 -28.69
CA ALA A 859 23.42 15.02 -30.02
C ALA A 859 24.30 16.22 -30.34
N VAL A 860 24.96 16.81 -29.35
CA VAL A 860 25.84 17.96 -29.57
C VAL A 860 27.29 17.52 -29.75
N ILE A 861 27.77 16.61 -28.91
CA ILE A 861 29.12 16.07 -28.99
C ILE A 861 28.99 14.59 -29.35
N PRO A 862 29.31 14.19 -30.58
CA PRO A 862 29.15 12.78 -30.98
C PRO A 862 30.16 11.83 -30.38
N TRP A 863 31.05 12.29 -29.50
CA TRP A 863 32.06 11.43 -28.89
C TRP A 863 31.72 11.02 -27.46
N ILE A 864 30.63 11.53 -26.89
CA ILE A 864 30.23 11.13 -25.54
C ILE A 864 29.62 9.73 -25.56
N ALA A 865 29.17 9.28 -26.73
CA ALA A 865 28.55 7.96 -26.83
C ALA A 865 29.53 6.82 -26.59
N ILE A 866 30.84 7.07 -26.67
CA ILE A 866 31.83 6.02 -26.47
C ILE A 866 32.00 5.71 -24.98
N PRO A 867 32.27 6.69 -24.11
CA PRO A 867 32.45 6.35 -22.69
C PRO A 867 31.17 5.98 -21.95
N LEU A 868 30.00 6.16 -22.56
CA LEU A 868 28.76 5.85 -21.87
C LEU A 868 28.51 4.36 -21.73
N VAL A 869 29.08 3.53 -22.61
CA VAL A 869 28.89 2.09 -22.55
C VAL A 869 29.63 1.51 -21.35
N PRO A 870 30.90 1.86 -21.10
CA PRO A 870 31.53 1.41 -19.85
C PRO A 870 30.84 1.96 -18.61
N LEU A 871 30.26 3.15 -18.70
CA LEU A 871 29.47 3.70 -17.61
C LEU A 871 28.05 3.18 -17.59
N GLY A 872 27.73 2.22 -18.45
CA GLY A 872 26.40 1.63 -18.49
C GLY A 872 26.39 0.16 -18.15
N ILE A 873 27.51 -0.53 -18.42
CA ILE A 873 27.59 -1.94 -18.06
C ILE A 873 27.71 -2.11 -16.55
N ILE A 874 28.49 -1.24 -15.90
CA ILE A 874 28.77 -1.41 -14.48
C ILE A 874 27.53 -1.14 -13.64
N PHE A 875 26.58 -0.35 -14.15
CA PHE A 875 25.41 0.01 -13.37
C PHE A 875 24.54 -1.21 -13.05
N ILE A 876 24.30 -2.07 -14.04
CA ILE A 876 23.48 -3.24 -13.81
C ILE A 876 24.16 -4.20 -12.84
N PHE A 877 25.47 -4.39 -13.00
CA PHE A 877 26.19 -5.28 -12.10
C PHE A 877 26.16 -4.75 -10.67
N LEU A 878 26.30 -3.44 -10.49
CA LEU A 878 26.26 -2.87 -9.14
C LEU A 878 24.86 -2.99 -8.55
N ARG A 879 23.82 -2.74 -9.36
CA ARG A 879 22.45 -2.87 -8.88
C ARG A 879 22.18 -4.30 -8.42
N ARG A 880 22.61 -5.29 -9.19
CA ARG A 880 22.42 -6.68 -8.79
C ARG A 880 23.22 -7.01 -7.53
N TYR A 881 24.48 -6.57 -7.48
CA TYR A 881 25.33 -6.87 -6.33
C TYR A 881 24.81 -6.22 -5.06
N PHE A 882 24.09 -5.12 -5.17
CA PHE A 882 23.50 -4.50 -3.99
C PHE A 882 22.16 -5.12 -3.61
N LEU A 883 21.30 -5.40 -4.59
CA LEU A 883 19.99 -5.97 -4.28
C LEU A 883 20.06 -7.41 -3.84
N GLU A 884 21.14 -8.13 -4.16
CA GLU A 884 21.26 -9.50 -3.69
C GLU A 884 21.46 -9.59 -2.18
N THR A 885 21.84 -8.49 -1.53
CA THR A 885 22.09 -8.48 -0.10
C THR A 885 21.36 -7.38 0.64
N SER A 886 20.65 -6.48 -0.05
CA SER A 886 19.92 -5.42 0.62
C SER A 886 18.52 -5.82 1.06
N ARG A 887 18.06 -7.02 0.67
CA ARG A 887 16.72 -7.48 1.00
C ARG A 887 16.68 -8.27 2.31
N ASP A 888 17.66 -8.08 3.20
CA ASP A 888 17.70 -8.79 4.46
C ASP A 888 17.64 -7.89 5.68
N VAL A 889 17.98 -6.60 5.55
CA VAL A 889 18.09 -5.74 6.72
C VAL A 889 16.70 -5.39 7.27
N LYS A 890 15.69 -5.29 6.40
CA LYS A 890 14.35 -4.98 6.88
C LYS A 890 13.78 -6.13 7.71
N ARG A 891 14.04 -7.37 7.29
CA ARG A 891 13.58 -8.52 8.06
C ARG A 891 14.21 -8.53 9.44
N LEU A 892 15.52 -8.26 9.53
CA LEU A 892 16.18 -8.20 10.82
C LEU A 892 15.63 -7.06 11.67
N GLU A 893 15.37 -5.91 11.03
CA GLU A 893 14.78 -4.79 11.76
C GLU A 893 13.44 -5.17 12.37
N SER A 894 12.60 -5.87 11.61
CA SER A 894 11.28 -6.26 12.12
C SER A 894 11.40 -7.29 13.24
N THR A 895 12.21 -8.33 13.03
CA THR A 895 12.33 -9.39 14.03
C THR A 895 13.16 -8.96 15.24
N THR A 896 13.80 -7.80 15.20
CA THR A 896 14.40 -7.23 16.40
C THR A 896 13.55 -6.13 17.03
N ARG A 897 12.61 -5.56 16.28
CA ARG A 897 11.70 -4.59 16.86
C ARG A 897 10.51 -5.27 17.55
N SER A 898 10.16 -6.49 17.14
CA SER A 898 9.06 -7.18 17.80
C SER A 898 9.37 -7.62 19.24
N PRO A 899 10.56 -8.17 19.54
CA PRO A 899 10.77 -8.69 20.90
C PRO A 899 10.75 -7.63 21.98
N VAL A 900 11.19 -6.41 21.70
CA VAL A 900 11.17 -5.37 22.73
C VAL A 900 9.73 -5.00 23.09
N PHE A 901 8.85 -4.92 22.08
CA PHE A 901 7.44 -4.67 22.35
C PHE A 901 6.82 -5.84 23.10
N SER A 902 7.19 -7.07 22.73
CA SER A 902 6.67 -8.24 23.44
C SER A 902 7.08 -8.20 24.92
N HIS A 903 8.35 -7.88 25.18
CA HIS A 903 8.84 -7.82 26.56
C HIS A 903 8.16 -6.71 27.34
N LEU A 904 7.97 -5.54 26.72
CA LEU A 904 7.28 -4.46 27.41
C LEU A 904 5.85 -4.83 27.75
N SER A 905 5.13 -5.44 26.80
CA SER A 905 3.76 -5.84 27.05
C SER A 905 3.68 -6.92 28.13
N SER A 906 4.65 -7.84 28.14
CA SER A 906 4.63 -8.91 29.14
C SER A 906 5.05 -8.42 30.53
N SER A 907 5.86 -7.37 30.60
CA SER A 907 6.33 -6.88 31.89
C SER A 907 5.45 -5.77 32.46
N LEU A 908 4.63 -5.11 31.64
CA LEU A 908 3.78 -4.06 32.18
C LEU A 908 2.67 -4.62 33.06
N GLN A 909 2.08 -5.76 32.66
CA GLN A 909 1.01 -6.34 33.45
C GLN A 909 1.54 -7.01 34.71
N GLY A 910 2.70 -7.65 34.62
CA GLY A 910 3.31 -8.28 35.78
C GLY A 910 4.12 -7.29 36.59
N LEU A 911 3.45 -6.31 37.20
CA LEU A 911 4.12 -5.24 37.92
C LEU A 911 4.34 -5.57 39.39
N TRP A 912 3.35 -6.17 40.04
CA TRP A 912 3.46 -6.45 41.46
C TRP A 912 4.50 -7.53 41.76
N THR A 913 4.69 -8.47 40.84
CA THR A 913 5.69 -9.51 41.04
C THR A 913 7.11 -8.95 41.03
N ILE A 914 7.32 -7.77 40.44
CA ILE A 914 8.64 -7.15 40.46
C ILE A 914 8.81 -6.31 41.73
N ARG A 915 7.75 -5.61 42.15
CA ARG A 915 7.82 -4.81 43.37
C ARG A 915 7.89 -5.68 44.62
N ALA A 916 7.38 -6.92 44.56
CA ALA A 916 7.44 -7.80 45.71
C ALA A 916 8.88 -8.11 46.09
N TYR A 917 9.63 -8.72 45.17
CA TYR A 917 11.02 -9.02 45.42
C TYR A 917 11.86 -7.74 45.36
N LYS A 918 12.99 -7.75 46.07
CA LYS A 918 13.88 -6.60 46.10
C LYS A 918 14.85 -6.64 44.91
N ALA A 919 14.27 -6.63 43.71
CA ALA A 919 15.04 -6.66 42.47
C ALA A 919 14.20 -6.00 41.39
N GLU A 920 14.51 -4.74 41.09
CA GLU A 920 13.81 -4.00 40.05
C GLU A 920 14.71 -3.53 38.91
N GLU A 921 16.02 -3.41 39.14
CA GLU A 921 16.92 -2.99 38.07
C GLU A 921 17.19 -4.10 37.07
N ARG A 922 16.88 -5.36 37.41
CA ARG A 922 17.08 -6.45 36.47
C ARG A 922 16.21 -6.27 35.23
N CYS A 923 14.97 -5.82 35.42
CA CYS A 923 14.10 -5.56 34.27
C CYS A 923 14.66 -4.42 33.43
N GLN A 924 15.27 -3.42 34.07
CA GLN A 924 15.90 -2.34 33.32
C GLN A 924 17.06 -2.83 32.48
N GLU A 925 17.92 -3.68 33.06
CA GLU A 925 19.03 -4.25 32.31
C GLU A 925 18.52 -5.12 31.15
N LEU A 926 17.44 -5.87 31.39
CA LEU A 926 16.87 -6.69 30.32
C LEU A 926 16.33 -5.83 29.19
N PHE A 927 15.64 -4.74 29.54
CA PHE A 927 15.13 -3.83 28.51
C PHE A 927 16.25 -3.20 27.72
N ASP A 928 17.33 -2.80 28.40
CA ASP A 928 18.47 -2.20 27.70
C ASP A 928 19.14 -3.21 26.78
N ALA A 929 19.32 -4.44 27.24
CA ALA A 929 19.91 -5.47 26.39
C ALA A 929 19.00 -5.82 25.22
N HIS A 930 17.68 -5.66 25.39
CA HIS A 930 16.77 -5.91 24.28
C HIS A 930 16.83 -4.79 23.26
N GLN A 931 16.96 -3.54 23.71
CA GLN A 931 17.02 -2.43 22.78
C GLN A 931 18.37 -2.32 22.08
N ASP A 932 19.43 -2.82 22.71
CA ASP A 932 20.74 -2.80 22.07
C ASP A 932 20.75 -3.63 20.80
N LEU A 933 20.03 -4.75 20.79
CA LEU A 933 19.97 -5.58 19.59
C LEU A 933 19.29 -4.83 18.45
N HIS A 934 18.20 -4.12 18.75
CA HIS A 934 17.52 -3.36 17.70
C HIS A 934 18.40 -2.22 17.21
N SER A 935 19.12 -1.55 18.11
CA SER A 935 20.04 -0.50 17.67
C SER A 935 21.13 -1.06 16.78
N GLU A 936 21.65 -2.24 17.13
CA GLU A 936 22.69 -2.87 16.32
C GLU A 936 22.16 -3.24 14.94
N ALA A 937 20.97 -3.82 14.87
CA ALA A 937 20.38 -4.17 13.58
C ALA A 937 19.98 -2.95 12.77
N TRP A 938 19.76 -1.81 13.42
CA TRP A 938 19.40 -0.59 12.71
C TRP A 938 20.64 0.17 12.23
N PHE A 939 21.77 0.00 12.91
CA PHE A 939 22.99 0.69 12.51
C PHE A 939 23.41 0.33 11.09
N LEU A 940 23.26 -0.94 10.71
CA LEU A 940 23.67 -1.38 9.38
C LEU A 940 22.79 -0.80 8.28
N PHE A 941 21.55 -0.43 8.61
CA PHE A 941 20.62 0.06 7.58
C PHE A 941 21.14 1.34 6.94
N LEU A 942 21.55 2.31 7.75
CA LEU A 942 22.01 3.59 7.23
C LEU A 942 23.28 3.42 6.39
N THR A 943 24.22 2.59 6.85
CA THR A 943 25.46 2.40 6.10
C THR A 943 25.20 1.69 4.78
N THR A 944 24.37 0.63 4.79
CA THR A 944 24.07 -0.06 3.54
C THR A 944 23.26 0.81 2.60
N SER A 945 22.50 1.78 3.12
CA SER A 945 21.79 2.70 2.26
C SER A 945 22.72 3.72 1.64
N ARG A 946 23.67 4.25 2.42
CA ARG A 946 24.59 5.26 1.92
C ARG A 946 25.73 4.67 1.09
N TRP A 947 25.92 3.35 1.13
CA TRP A 947 26.98 2.74 0.33
C TRP A 947 26.68 2.79 -1.17
N PHE A 948 25.45 3.09 -1.57
CA PHE A 948 25.05 3.12 -2.97
C PHE A 948 25.04 4.53 -3.55
N ALA A 949 24.64 5.52 -2.75
CA ALA A 949 24.57 6.89 -3.25
C ALA A 949 25.93 7.41 -3.67
N VAL A 950 27.00 6.97 -3.01
CA VAL A 950 28.33 7.42 -3.38
C VAL A 950 28.71 6.91 -4.75
N ARG A 951 28.50 5.61 -5.00
CA ARG A 951 28.83 5.05 -6.31
C ARG A 951 27.92 5.59 -7.39
N LEU A 952 26.72 6.05 -7.04
CA LEU A 952 25.87 6.68 -8.05
C LEU A 952 26.34 8.09 -8.38
N ASP A 953 26.57 8.91 -7.35
CA ASP A 953 27.01 10.28 -7.56
C ASP A 953 28.38 10.35 -8.21
N ALA A 954 29.22 9.32 -8.05
CA ALA A 954 30.48 9.28 -8.76
C ALA A 954 30.26 9.41 -10.27
N ILE A 955 29.40 8.56 -10.83
CA ILE A 955 29.10 8.64 -12.26
C ILE A 955 28.33 9.91 -12.58
N CYS A 956 27.41 10.30 -11.69
CA CYS A 956 26.60 11.50 -11.93
C CYS A 956 27.47 12.75 -12.08
N ALA A 957 28.60 12.81 -11.39
CA ALA A 957 29.52 13.93 -11.53
C ALA A 957 30.58 13.72 -12.60
N MET A 958 31.01 12.47 -12.83
CA MET A 958 31.95 12.20 -13.90
C MET A 958 31.37 12.55 -15.26
N PHE A 959 30.06 12.31 -15.45
CA PHE A 959 29.43 12.70 -16.71
C PHE A 959 29.53 14.20 -16.95
N VAL A 960 29.25 15.00 -15.92
CA VAL A 960 29.31 16.45 -16.07
C VAL A 960 30.73 16.91 -16.34
N ILE A 961 31.70 16.37 -15.60
CA ILE A 961 33.10 16.75 -15.83
C ILE A 961 33.51 16.43 -17.25
N ILE A 962 33.14 15.23 -17.74
CA ILE A 962 33.53 14.80 -19.07
C ILE A 962 32.92 15.71 -20.13
N VAL A 963 31.62 16.00 -20.00
CA VAL A 963 30.97 16.81 -21.03
C VAL A 963 31.52 18.23 -21.02
N ALA A 964 31.81 18.79 -19.85
CA ALA A 964 32.34 20.14 -19.77
C ALA A 964 33.72 20.23 -20.41
N PHE A 965 34.62 19.33 -20.01
CA PHE A 965 35.98 19.40 -20.57
C PHE A 965 36.01 19.04 -22.05
N GLY A 966 35.10 18.17 -22.50
CA GLY A 966 35.04 17.87 -23.92
C GLY A 966 34.50 19.04 -24.73
N SER A 967 33.53 19.78 -24.20
CA SER A 967 33.05 20.96 -24.89
C SER A 967 34.11 22.05 -24.91
N LEU A 968 34.94 22.13 -23.87
CA LEU A 968 35.97 23.15 -23.84
C LEU A 968 37.14 22.81 -24.76
N ILE A 969 37.47 21.53 -24.87
CA ILE A 969 38.62 21.13 -25.70
C ILE A 969 38.33 21.33 -27.17
N LEU A 970 37.07 21.15 -27.59
CA LEU A 970 36.69 21.25 -28.99
C LEU A 970 36.11 22.61 -29.33
N ALA A 971 36.67 23.67 -28.74
CA ALA A 971 36.20 25.05 -28.87
C ALA A 971 36.42 25.63 -30.26
N LYS A 972 36.87 24.87 -31.26
CA LYS A 972 37.11 25.42 -32.59
C LYS A 972 36.04 25.03 -33.61
N THR A 973 35.18 24.05 -33.30
CA THR A 973 34.22 23.54 -34.27
C THR A 973 32.78 23.73 -33.82
N LEU A 974 32.51 24.58 -32.84
CA LEU A 974 31.15 24.81 -32.36
C LEU A 974 31.00 26.26 -31.94
N ASP A 975 29.79 26.60 -31.48
CA ASP A 975 29.48 27.98 -31.12
C ASP A 975 28.87 28.07 -29.73
N ALA A 976 28.37 29.24 -29.35
CA ALA A 976 27.96 29.48 -27.97
C ALA A 976 26.58 28.89 -27.67
N GLY A 977 25.65 28.99 -28.62
CA GLY A 977 24.29 28.57 -28.33
C GLY A 977 24.18 27.09 -27.99
N GLN A 978 24.76 26.24 -28.84
CA GLN A 978 24.62 24.80 -28.62
C GLN A 978 25.45 24.32 -27.44
N VAL A 979 26.61 24.93 -27.18
CA VAL A 979 27.39 24.52 -26.01
C VAL A 979 26.67 24.95 -24.74
N GLY A 980 26.02 26.10 -24.75
CA GLY A 980 25.22 26.50 -23.61
C GLY A 980 24.03 25.58 -23.39
N LEU A 981 23.37 25.18 -24.48
CA LEU A 981 22.26 24.23 -24.37
C LEU A 981 22.73 22.89 -23.82
N ALA A 982 23.91 22.45 -24.24
CA ALA A 982 24.43 21.16 -23.76
C ALA A 982 24.83 21.24 -22.30
N LEU A 983 25.41 22.35 -21.87
CA LEU A 983 25.86 22.47 -20.49
C LEU A 983 24.73 22.78 -19.52
N SER A 984 23.64 23.40 -19.98
CA SER A 984 22.54 23.72 -19.09
C SER A 984 21.71 22.51 -18.71
N TYR A 985 21.86 21.38 -19.40
CA TYR A 985 21.10 20.17 -19.10
C TYR A 985 21.85 19.20 -18.21
N ALA A 986 23.18 19.24 -18.21
CA ALA A 986 23.95 18.31 -17.39
C ALA A 986 23.86 18.63 -15.90
N LEU A 987 23.46 19.85 -15.54
CA LEU A 987 23.37 20.26 -14.14
C LEU A 987 22.01 19.95 -13.52
N THR A 988 21.27 18.99 -14.08
CA THR A 988 19.96 18.61 -13.55
C THR A 988 19.77 17.11 -13.47
N LEU A 989 20.83 16.31 -13.52
CA LEU A 989 20.70 14.87 -13.61
C LEU A 989 20.57 14.19 -12.27
N MET A 990 20.99 14.83 -11.18
CA MET A 990 21.15 14.14 -9.91
C MET A 990 19.81 13.69 -9.33
N GLY A 991 18.88 14.63 -9.15
CA GLY A 991 17.62 14.30 -8.51
C GLY A 991 16.79 13.32 -9.31
N MET A 992 16.72 13.52 -10.63
CA MET A 992 15.96 12.61 -11.47
C MET A 992 16.61 11.23 -11.51
N PHE A 993 17.94 11.17 -11.53
CA PHE A 993 18.63 9.89 -11.47
C PHE A 993 18.28 9.15 -10.18
N GLN A 994 18.32 9.85 -9.04
CA GLN A 994 18.00 9.21 -7.77
C GLN A 994 16.56 8.73 -7.73
N TRP A 995 15.62 9.55 -8.20
CA TRP A 995 14.21 9.15 -8.17
C TRP A 995 13.95 7.96 -9.08
N CYS A 996 14.57 7.94 -10.26
CA CYS A 996 14.38 6.84 -11.19
C CYS A 996 14.96 5.55 -10.64
N VAL A 997 16.15 5.62 -10.01
CA VAL A 997 16.74 4.41 -9.46
C VAL A 997 16.03 3.98 -8.18
N ARG A 998 15.29 4.87 -7.53
CA ARG A 998 14.59 4.50 -6.30
C ARG A 998 13.21 3.93 -6.54
N GLN A 999 12.47 4.40 -7.56
CA GLN A 999 11.10 3.96 -7.75
C GLN A 999 11.00 2.49 -8.17
N SER A 1000 12.04 1.96 -8.81
CA SER A 1000 12.01 0.58 -9.28
C SER A 1000 11.89 -0.40 -8.11
N ALA A 1001 12.54 -0.08 -6.99
CA ALA A 1001 12.45 -0.94 -5.81
C ALA A 1001 11.02 -1.03 -5.31
N GLU A 1002 10.34 0.10 -5.22
CA GLU A 1002 8.95 0.09 -4.77
C GLU A 1002 8.05 -0.64 -5.76
N VAL A 1003 8.30 -0.47 -7.06
CA VAL A 1003 7.50 -1.19 -8.06
C VAL A 1003 7.66 -2.70 -7.89
N GLU A 1004 8.91 -3.15 -7.77
CA GLU A 1004 9.17 -4.59 -7.61
C GLU A 1004 8.61 -5.12 -6.29
N ASN A 1005 8.60 -4.29 -5.25
CA ASN A 1005 8.04 -4.71 -3.97
C ASN A 1005 6.52 -4.78 -4.01
N MET A 1006 5.88 -3.92 -4.79
CA MET A 1006 4.43 -3.89 -4.86
C MET A 1006 3.84 -4.87 -5.87
N MET A 1007 4.65 -5.37 -6.81
CA MET A 1007 4.12 -6.35 -7.76
C MET A 1007 3.62 -7.64 -7.10
N ILE A 1008 3.95 -7.86 -5.83
CA ILE A 1008 3.51 -9.09 -5.16
C ILE A 1008 1.99 -9.13 -5.04
N SER A 1009 1.34 -7.97 -4.96
CA SER A 1009 -0.12 -7.94 -4.90
C SER A 1009 -0.74 -8.48 -6.19
N VAL A 1010 -0.23 -8.01 -7.33
CA VAL A 1010 -0.67 -8.57 -8.62
C VAL A 1010 -0.36 -10.06 -8.67
N GLU A 1011 0.81 -10.45 -8.17
CA GLU A 1011 1.19 -11.86 -8.19
C GLU A 1011 0.16 -12.72 -7.46
N ARG A 1012 -0.23 -12.31 -6.26
CA ARG A 1012 -1.18 -13.09 -5.47
C ARG A 1012 -2.62 -12.90 -5.92
N VAL A 1013 -2.93 -11.86 -6.69
CA VAL A 1013 -4.27 -11.74 -7.25
C VAL A 1013 -4.44 -12.67 -8.45
N ILE A 1014 -3.44 -12.74 -9.33
CA ILE A 1014 -3.49 -13.68 -10.44
C ILE A 1014 -3.44 -15.13 -9.94
N GLU A 1015 -3.04 -15.33 -8.68
CA GLU A 1015 -3.08 -16.67 -8.11
C GLU A 1015 -4.49 -17.25 -8.13
N TYR A 1016 -5.49 -16.41 -7.91
CA TYR A 1016 -6.88 -16.83 -8.01
C TYR A 1016 -7.29 -16.84 -9.49
N THR A 1017 -8.60 -16.97 -9.73
CA THR A 1017 -9.24 -17.03 -11.05
C THR A 1017 -8.90 -18.31 -11.80
N ASP A 1018 -8.00 -19.15 -11.27
CA ASP A 1018 -7.67 -20.46 -11.84
C ASP A 1018 -7.69 -21.43 -10.66
N LEU A 1019 -8.87 -21.98 -10.37
CA LEU A 1019 -9.04 -22.88 -9.25
C LEU A 1019 -9.91 -24.06 -9.68
N GLU A 1020 -10.20 -24.94 -8.72
CA GLU A 1020 -11.08 -26.06 -8.99
C GLU A 1020 -12.49 -25.57 -9.31
N LYS A 1021 -13.17 -26.31 -10.17
CA LYS A 1021 -14.50 -25.94 -10.62
C LYS A 1021 -15.42 -27.16 -10.48
N GLU A 1022 -16.58 -26.96 -9.87
CA GLU A 1022 -17.56 -28.03 -9.71
C GLU A 1022 -18.33 -28.20 -11.01
N ALA A 1023 -19.35 -29.06 -10.98
CA ALA A 1023 -20.18 -29.28 -12.15
C ALA A 1023 -20.97 -28.01 -12.49
N PRO A 1024 -21.30 -27.80 -13.76
CA PRO A 1024 -22.09 -26.62 -14.12
C PRO A 1024 -23.46 -26.66 -13.47
N TRP A 1025 -24.05 -25.46 -13.31
CA TRP A 1025 -25.32 -25.35 -12.61
C TRP A 1025 -26.46 -26.00 -13.37
N GLU A 1026 -26.39 -26.03 -14.70
CA GLU A 1026 -27.44 -26.62 -15.52
C GLU A 1026 -26.81 -27.40 -16.66
N TYR A 1027 -27.54 -28.42 -17.12
CA TYR A 1027 -27.13 -29.25 -18.24
C TYR A 1027 -28.00 -28.95 -19.45
N GLN A 1028 -27.80 -29.72 -20.52
CA GLN A 1028 -28.61 -29.56 -21.72
C GLN A 1028 -29.98 -30.21 -21.56
N LYS A 1029 -30.03 -31.38 -20.93
CA LYS A 1029 -31.29 -32.07 -20.71
C LYS A 1029 -32.06 -31.41 -19.57
N ARG A 1030 -33.35 -31.18 -19.79
CA ARG A 1030 -34.14 -30.51 -18.77
C ARG A 1030 -35.13 -31.47 -18.13
N PRO A 1031 -35.33 -31.40 -16.81
CA PRO A 1031 -36.31 -32.26 -16.16
C PRO A 1031 -37.72 -31.83 -16.50
N PRO A 1032 -38.71 -32.70 -16.27
CA PRO A 1032 -40.11 -32.32 -16.53
C PRO A 1032 -40.53 -31.14 -15.67
N PRO A 1033 -41.57 -30.41 -16.07
CA PRO A 1033 -41.99 -29.24 -15.28
C PRO A 1033 -42.37 -29.57 -13.85
N ALA A 1034 -42.89 -30.76 -13.58
CA ALA A 1034 -43.22 -31.21 -12.23
C ALA A 1034 -42.52 -32.56 -12.02
N TRP A 1035 -41.24 -32.51 -11.71
CA TRP A 1035 -40.44 -33.71 -11.47
C TRP A 1035 -40.72 -34.32 -10.11
N PRO A 1036 -40.64 -33.56 -8.98
CA PRO A 1036 -40.85 -34.20 -7.68
C PRO A 1036 -42.30 -34.65 -7.47
N HIS A 1037 -42.51 -35.96 -7.48
CA HIS A 1037 -43.84 -36.53 -7.26
C HIS A 1037 -43.65 -37.99 -6.87
N GLU A 1038 -44.21 -38.37 -5.73
CA GLU A 1038 -44.00 -39.70 -5.15
C GLU A 1038 -42.50 -39.98 -4.99
N GLY A 1039 -41.88 -39.19 -4.12
CA GLY A 1039 -40.44 -39.16 -4.00
C GLY A 1039 -39.83 -40.39 -3.37
N VAL A 1040 -40.06 -41.56 -3.98
CA VAL A 1040 -39.39 -42.78 -3.53
C VAL A 1040 -37.90 -42.65 -3.80
N ILE A 1041 -37.09 -43.09 -2.83
CA ILE A 1041 -35.64 -43.00 -2.92
C ILE A 1041 -35.06 -44.38 -2.68
N ILE A 1042 -34.19 -44.82 -3.58
CA ILE A 1042 -33.50 -46.09 -3.45
C ILE A 1042 -32.00 -45.82 -3.42
N PHE A 1043 -31.24 -46.86 -3.09
CA PHE A 1043 -29.79 -46.77 -3.01
C PHE A 1043 -29.17 -48.02 -3.61
N ASP A 1044 -27.84 -48.00 -3.73
CA ASP A 1044 -27.06 -49.12 -4.23
C ASP A 1044 -25.81 -49.22 -3.38
N ASN A 1045 -24.83 -50.00 -3.85
CA ASN A 1045 -23.57 -50.09 -3.15
C ASN A 1045 -22.80 -48.79 -3.34
N VAL A 1046 -22.96 -47.86 -2.41
CA VAL A 1046 -22.40 -46.51 -2.53
C VAL A 1046 -21.23 -46.36 -1.57
N ASN A 1047 -20.23 -45.60 -2.02
CA ASN A 1047 -19.06 -45.27 -1.22
C ASN A 1047 -18.89 -43.76 -1.22
N PHE A 1048 -18.74 -43.18 -0.03
CA PHE A 1048 -18.57 -41.74 0.12
C PHE A 1048 -17.16 -41.43 0.63
N MET A 1049 -16.64 -40.28 0.22
CA MET A 1049 -15.32 -39.84 0.63
C MET A 1049 -15.26 -38.33 0.59
N TYR A 1050 -14.47 -37.74 1.48
CA TYR A 1050 -14.31 -36.29 1.50
C TYR A 1050 -13.27 -35.84 0.49
N SER A 1051 -12.07 -36.40 0.56
CA SER A 1051 -11.04 -36.09 -0.42
C SER A 1051 -11.19 -37.01 -1.63
N PRO A 1052 -10.82 -36.53 -2.83
CA PRO A 1052 -10.95 -37.39 -4.02
C PRO A 1052 -10.06 -38.62 -3.98
N GLY A 1053 -9.00 -38.62 -3.16
CA GLY A 1053 -8.14 -39.77 -3.03
C GLY A 1053 -7.82 -40.10 -1.59
N GLY A 1054 -8.74 -39.80 -0.68
CA GLY A 1054 -8.54 -40.02 0.72
C GLY A 1054 -9.32 -41.19 1.25
N PRO A 1055 -9.52 -41.23 2.56
CA PRO A 1055 -10.24 -42.36 3.18
C PRO A 1055 -11.75 -42.27 2.91
N LEU A 1056 -12.44 -43.33 3.32
CA LEU A 1056 -13.89 -43.43 3.16
C LEU A 1056 -14.58 -43.22 4.51
N VAL A 1057 -15.85 -42.82 4.43
CA VAL A 1057 -16.67 -42.61 5.62
C VAL A 1057 -17.93 -43.46 5.62
N LEU A 1058 -18.29 -44.08 4.50
CA LEU A 1058 -19.45 -44.94 4.41
C LEU A 1058 -19.09 -46.17 3.60
N LYS A 1059 -19.81 -47.27 3.86
CA LYS A 1059 -19.52 -48.55 3.21
C LYS A 1059 -20.84 -49.21 2.80
N HIS A 1060 -21.18 -49.05 1.51
CA HIS A 1060 -22.29 -49.77 0.87
C HIS A 1060 -23.62 -49.52 1.61
N LEU A 1061 -24.03 -48.25 1.58
CA LEU A 1061 -25.33 -47.86 2.10
C LEU A 1061 -26.40 -48.17 1.06
N THR A 1062 -27.19 -49.21 1.31
CA THR A 1062 -28.28 -49.60 0.42
C THR A 1062 -29.55 -49.76 1.23
N ALA A 1063 -30.58 -49.01 0.88
CA ALA A 1063 -31.85 -49.04 1.60
C ALA A 1063 -32.97 -48.81 0.60
N LEU A 1064 -34.18 -48.63 1.12
CA LEU A 1064 -35.36 -48.40 0.27
C LEU A 1064 -36.34 -47.55 1.07
N ILE A 1065 -36.52 -46.30 0.64
CA ILE A 1065 -37.43 -45.37 1.31
C ILE A 1065 -38.59 -45.09 0.36
N LYS A 1066 -39.77 -45.57 0.73
CA LYS A 1066 -40.96 -45.38 -0.10
C LYS A 1066 -41.52 -43.98 0.14
N SER A 1067 -42.70 -43.72 -0.40
CA SER A 1067 -43.31 -42.40 -0.30
C SER A 1067 -44.13 -42.28 0.98
N GLN A 1068 -44.15 -41.07 1.54
CA GLN A 1068 -44.94 -40.74 2.73
C GLN A 1068 -44.54 -41.61 3.91
N GLU A 1069 -43.23 -41.71 4.15
CA GLU A 1069 -42.68 -42.48 5.25
C GLU A 1069 -41.76 -41.62 6.09
N LYS A 1070 -41.73 -41.89 7.38
CA LYS A 1070 -40.86 -41.18 8.32
C LYS A 1070 -39.71 -42.13 8.68
N VAL A 1071 -38.55 -41.90 8.08
CA VAL A 1071 -37.39 -42.76 8.26
C VAL A 1071 -36.46 -42.11 9.28
N GLY A 1072 -36.26 -42.77 10.41
CA GLY A 1072 -35.36 -42.28 11.45
C GLY A 1072 -34.00 -42.92 11.34
N ILE A 1073 -32.96 -42.12 11.62
CA ILE A 1073 -31.58 -42.61 11.66
C ILE A 1073 -31.06 -42.43 13.08
N VAL A 1074 -30.60 -43.52 13.68
CA VAL A 1074 -30.04 -43.50 15.03
C VAL A 1074 -28.65 -44.10 14.96
N GLY A 1075 -27.65 -43.34 15.38
CA GLY A 1075 -26.28 -43.82 15.34
C GLY A 1075 -25.39 -43.04 16.28
N ARG A 1076 -24.18 -43.56 16.47
CA ARG A 1076 -23.21 -42.92 17.33
C ARG A 1076 -22.64 -41.68 16.67
N THR A 1077 -22.45 -40.61 17.45
CA THR A 1077 -21.91 -39.37 16.93
C THR A 1077 -20.47 -39.58 16.46
N GLY A 1078 -20.10 -38.87 15.39
CA GLY A 1078 -18.78 -38.98 14.84
C GLY A 1078 -18.49 -40.26 14.09
N ALA A 1079 -19.45 -41.16 13.94
CA ALA A 1079 -19.28 -42.42 13.24
C ALA A 1079 -19.79 -42.37 11.81
N GLY A 1080 -20.06 -41.18 11.28
CA GLY A 1080 -20.55 -41.05 9.92
C GLY A 1080 -22.05 -40.92 9.82
N LYS A 1081 -22.64 -40.09 10.67
CA LYS A 1081 -24.08 -39.86 10.69
C LYS A 1081 -24.48 -38.61 9.90
N SER A 1082 -23.79 -37.50 10.11
CA SER A 1082 -24.09 -36.27 9.39
C SER A 1082 -23.55 -36.29 7.96
N SER A 1083 -22.81 -37.33 7.58
CA SER A 1083 -22.29 -37.45 6.22
C SER A 1083 -23.32 -37.99 5.24
N LEU A 1084 -24.58 -38.15 5.66
CA LEU A 1084 -25.63 -38.62 4.78
C LEU A 1084 -26.30 -37.47 4.02
N ILE A 1085 -26.44 -36.31 4.67
CA ILE A 1085 -27.06 -35.17 3.99
C ILE A 1085 -26.12 -34.60 2.93
N SER A 1086 -24.81 -34.73 3.13
CA SER A 1086 -23.84 -34.25 2.15
C SER A 1086 -23.74 -35.17 0.93
N ALA A 1087 -24.35 -36.35 0.98
CA ALA A 1087 -24.37 -37.25 -0.16
C ALA A 1087 -25.66 -37.14 -0.98
N LEU A 1088 -26.75 -36.70 -0.37
CA LEU A 1088 -28.00 -36.53 -1.10
C LEU A 1088 -28.04 -35.20 -1.85
N PHE A 1089 -27.46 -34.15 -1.28
CA PHE A 1089 -27.34 -32.87 -1.96
C PHE A 1089 -26.13 -32.80 -2.88
N ARG A 1090 -25.46 -33.93 -3.08
CA ARG A 1090 -24.27 -34.06 -3.93
C ARG A 1090 -23.33 -32.86 -3.80
N LEU A 1091 -23.02 -32.52 -2.55
CA LEU A 1091 -21.97 -31.52 -2.32
C LEU A 1091 -20.61 -32.04 -2.74
N SER A 1092 -20.41 -33.35 -2.67
CA SER A 1092 -19.23 -34.01 -3.21
C SER A 1092 -19.68 -35.25 -3.95
N GLU A 1093 -19.18 -35.42 -5.17
CA GLU A 1093 -19.64 -36.50 -6.05
C GLU A 1093 -19.41 -37.86 -5.40
N PRO A 1094 -20.46 -38.62 -5.07
CA PRO A 1094 -20.26 -39.94 -4.47
C PRO A 1094 -20.11 -41.03 -5.52
N GLU A 1095 -19.98 -42.28 -5.08
CA GLU A 1095 -19.88 -43.42 -5.97
C GLU A 1095 -21.17 -44.21 -5.91
N GLY A 1096 -21.62 -44.71 -7.06
CA GLY A 1096 -22.84 -45.48 -7.14
C GLY A 1096 -24.00 -44.68 -7.71
N LYS A 1097 -25.10 -45.40 -7.93
CA LYS A 1097 -26.30 -44.81 -8.50
C LYS A 1097 -27.28 -44.42 -7.39
N ILE A 1098 -27.86 -43.24 -7.51
CA ILE A 1098 -28.86 -42.74 -6.56
C ILE A 1098 -30.10 -42.39 -7.39
N TRP A 1099 -31.03 -43.32 -7.49
CA TRP A 1099 -32.23 -43.10 -8.28
C TRP A 1099 -33.27 -42.33 -7.49
N ILE A 1100 -33.90 -41.36 -8.13
CA ILE A 1100 -34.95 -40.56 -7.52
C ILE A 1100 -35.99 -40.23 -8.59
N ASP A 1101 -37.23 -40.68 -8.39
CA ASP A 1101 -38.33 -40.46 -9.32
C ASP A 1101 -37.95 -40.88 -10.74
N LYS A 1102 -37.53 -42.13 -10.86
CA LYS A 1102 -37.20 -42.82 -12.11
C LYS A 1102 -35.98 -42.24 -12.82
N ILE A 1103 -35.27 -41.27 -12.24
CA ILE A 1103 -34.08 -40.70 -12.84
C ILE A 1103 -33.00 -40.59 -11.77
N LEU A 1104 -31.77 -40.36 -12.24
CA LEU A 1104 -30.61 -40.34 -11.37
C LEU A 1104 -30.39 -38.93 -10.83
N THR A 1105 -29.23 -38.71 -10.20
CA THR A 1105 -28.86 -37.40 -9.68
C THR A 1105 -27.59 -36.85 -10.30
N THR A 1106 -26.97 -37.57 -11.23
CA THR A 1106 -25.73 -37.12 -11.84
C THR A 1106 -25.97 -36.31 -13.11
N GLU A 1107 -26.93 -36.72 -13.94
CA GLU A 1107 -27.22 -36.05 -15.19
C GLU A 1107 -28.19 -34.89 -15.04
N ILE A 1108 -28.37 -34.39 -13.81
CA ILE A 1108 -29.24 -33.25 -13.54
C ILE A 1108 -28.40 -32.13 -12.94
N GLY A 1109 -28.69 -30.90 -13.35
CA GLY A 1109 -27.97 -29.76 -12.83
C GLY A 1109 -28.12 -29.61 -11.33
N LEU A 1110 -27.21 -28.83 -10.74
CA LEU A 1110 -27.22 -28.64 -9.30
C LEU A 1110 -28.39 -27.77 -8.85
N HIS A 1111 -28.69 -26.71 -9.61
CA HIS A 1111 -29.80 -25.85 -9.23
C HIS A 1111 -31.14 -26.52 -9.49
N ASP A 1112 -31.20 -27.45 -10.44
CA ASP A 1112 -32.43 -28.19 -10.68
C ASP A 1112 -32.64 -29.28 -9.62
N LEU A 1113 -31.61 -29.60 -8.84
CA LEU A 1113 -31.72 -30.62 -7.80
C LEU A 1113 -31.93 -30.01 -6.43
N ARG A 1114 -31.08 -29.07 -6.03
CA ARG A 1114 -31.13 -28.51 -4.69
C ARG A 1114 -32.35 -27.62 -4.45
N LYS A 1115 -33.14 -27.34 -5.49
CA LYS A 1115 -34.29 -26.45 -5.34
C LYS A 1115 -35.55 -27.18 -4.90
N LYS A 1116 -35.73 -28.44 -5.29
CA LYS A 1116 -36.94 -29.19 -5.01
C LYS A 1116 -36.87 -29.98 -3.71
N MET A 1117 -35.89 -29.68 -2.84
CA MET A 1117 -35.76 -30.34 -1.56
C MET A 1117 -35.68 -29.29 -0.46
N SER A 1118 -35.82 -29.73 0.78
CA SER A 1118 -35.77 -28.83 1.92
C SER A 1118 -34.99 -29.48 3.06
N ILE A 1119 -34.23 -28.68 3.79
CA ILE A 1119 -33.46 -29.17 4.92
C ILE A 1119 -33.56 -28.15 6.05
N ILE A 1120 -33.69 -28.65 7.28
CA ILE A 1120 -33.70 -27.81 8.47
C ILE A 1120 -32.32 -27.88 9.11
N PRO A 1121 -31.54 -26.82 9.10
CA PRO A 1121 -30.17 -26.88 9.63
C PRO A 1121 -30.17 -27.07 11.14
N GLN A 1122 -29.01 -27.50 11.66
CA GLN A 1122 -28.88 -27.71 13.09
C GLN A 1122 -28.87 -26.39 13.85
N GLU A 1123 -28.27 -25.35 13.27
CA GLU A 1123 -28.23 -24.03 13.87
C GLU A 1123 -28.65 -23.01 12.82
N PRO A 1124 -29.57 -22.10 13.15
CA PRO A 1124 -30.03 -21.13 12.15
C PRO A 1124 -28.99 -20.04 11.92
N VAL A 1125 -29.09 -19.42 10.74
CA VAL A 1125 -28.27 -18.28 10.36
C VAL A 1125 -29.18 -17.22 9.77
N LEU A 1126 -28.91 -15.96 10.13
CA LEU A 1126 -29.69 -14.82 9.66
C LEU A 1126 -28.74 -13.84 8.97
N PHE A 1127 -29.12 -13.38 7.79
CA PHE A 1127 -28.31 -12.45 7.02
C PHE A 1127 -28.79 -11.01 7.26
N THR A 1128 -27.84 -10.09 7.23
CA THR A 1128 -28.13 -8.67 7.48
C THR A 1128 -29.00 -8.12 6.35
N GLY A 1129 -30.25 -7.83 6.66
CA GLY A 1129 -31.15 -7.30 5.66
C GLY A 1129 -32.53 -7.08 6.24
N THR A 1130 -33.50 -6.89 5.35
CA THR A 1130 -34.87 -6.67 5.75
C THR A 1130 -35.53 -8.01 6.14
N MET A 1131 -36.82 -7.94 6.45
CA MET A 1131 -37.55 -9.16 6.81
C MET A 1131 -38.06 -9.91 5.59
N ARG A 1132 -38.38 -9.19 4.51
CA ARG A 1132 -38.85 -9.86 3.30
C ARG A 1132 -37.73 -10.59 2.58
N LYS A 1133 -36.48 -10.15 2.77
CA LYS A 1133 -35.35 -10.80 2.10
C LYS A 1133 -35.06 -12.16 2.73
N ASN A 1134 -35.01 -12.23 4.06
CA ASN A 1134 -34.69 -13.49 4.73
C ASN A 1134 -35.74 -14.56 4.50
N LEU A 1135 -36.97 -14.18 4.17
CA LEU A 1135 -38.03 -15.14 3.88
C LEU A 1135 -38.32 -15.30 2.39
N ASP A 1136 -37.88 -14.35 1.57
CA ASP A 1136 -38.16 -14.38 0.14
C ASP A 1136 -37.17 -13.52 -0.62
N PRO A 1137 -35.95 -14.03 -0.88
CA PRO A 1137 -34.99 -13.21 -1.65
C PRO A 1137 -35.43 -13.00 -3.09
N PHE A 1138 -35.92 -14.04 -3.75
CA PHE A 1138 -36.48 -13.91 -5.09
C PHE A 1138 -37.97 -13.61 -4.97
N ASN A 1139 -38.39 -12.49 -5.54
CA ASN A 1139 -39.78 -12.04 -5.42
C ASN A 1139 -40.67 -12.95 -6.25
N GLU A 1140 -41.28 -13.95 -5.59
CA GLU A 1140 -42.16 -14.89 -6.27
C GLU A 1140 -43.42 -15.19 -5.48
N HIS A 1141 -43.68 -14.50 -4.38
CA HIS A 1141 -44.87 -14.72 -3.58
C HIS A 1141 -45.42 -13.38 -3.13
N THR A 1142 -46.73 -13.36 -2.89
CA THR A 1142 -47.42 -12.14 -2.49
C THR A 1142 -47.16 -11.85 -1.01
N ASP A 1143 -47.58 -10.65 -0.59
CA ASP A 1143 -47.40 -10.25 0.80
C ASP A 1143 -48.42 -10.92 1.72
N GLU A 1144 -49.65 -11.08 1.24
CA GLU A 1144 -50.67 -11.74 2.06
C GLU A 1144 -50.32 -13.20 2.29
N GLU A 1145 -49.71 -13.87 1.30
CA GLU A 1145 -49.28 -15.25 1.48
C GLU A 1145 -48.24 -15.36 2.58
N LEU A 1146 -47.24 -14.47 2.56
CA LEU A 1146 -46.21 -14.49 3.59
C LEU A 1146 -46.80 -14.16 4.95
N TRP A 1147 -47.75 -13.21 5.01
CA TRP A 1147 -48.39 -12.87 6.27
C TRP A 1147 -49.14 -14.07 6.83
N ASN A 1148 -49.89 -14.78 5.99
CA ASN A 1148 -50.62 -15.95 6.45
C ASN A 1148 -49.67 -17.04 6.92
N ALA A 1149 -48.60 -17.28 6.16
CA ALA A 1149 -47.64 -18.30 6.55
C ALA A 1149 -46.95 -17.96 7.86
N LEU A 1150 -46.75 -16.66 8.12
CA LEU A 1150 -46.14 -16.24 9.37
C LEU A 1150 -47.14 -16.26 10.52
N GLN A 1151 -48.44 -16.16 10.21
CA GLN A 1151 -49.45 -16.28 11.26
C GLN A 1151 -49.68 -17.73 11.67
N GLU A 1152 -49.67 -18.65 10.70
CA GLU A 1152 -49.92 -20.05 11.04
C GLU A 1152 -48.75 -20.74 11.72
N VAL A 1153 -47.58 -20.08 11.76
CA VAL A 1153 -46.41 -20.63 12.45
C VAL A 1153 -46.33 -20.10 13.89
N GLN A 1154 -47.35 -19.36 14.33
CA GLN A 1154 -47.45 -18.86 15.71
C GLN A 1154 -46.31 -17.90 16.02
N LEU A 1155 -46.10 -16.92 15.13
CA LEU A 1155 -45.17 -15.84 15.41
C LEU A 1155 -45.64 -14.63 14.59
N LYS A 1156 -46.41 -13.75 15.24
CA LYS A 1156 -46.83 -12.51 14.61
C LYS A 1156 -46.66 -11.33 15.57
N GLU A 1157 -46.72 -11.60 16.88
CA GLU A 1157 -46.64 -10.54 17.87
C GLU A 1157 -45.23 -9.95 17.98
N THR A 1158 -44.20 -10.71 17.60
CA THR A 1158 -42.84 -10.20 17.71
C THR A 1158 -42.50 -9.18 16.64
N ILE A 1159 -43.32 -9.07 15.58
CA ILE A 1159 -43.07 -8.14 14.50
C ILE A 1159 -44.07 -6.99 14.46
N GLU A 1160 -45.21 -7.11 15.14
CA GLU A 1160 -46.19 -6.03 15.12
C GLU A 1160 -45.72 -4.84 15.97
N ASP A 1161 -45.01 -5.12 17.06
CA ASP A 1161 -44.51 -4.04 17.90
C ASP A 1161 -43.42 -3.23 17.22
N LEU A 1162 -42.77 -3.77 16.19
CA LEU A 1162 -41.81 -3.00 15.42
C LEU A 1162 -42.53 -1.94 14.60
N PRO A 1163 -41.83 -0.86 14.22
CA PRO A 1163 -42.52 0.21 13.47
C PRO A 1163 -43.07 -0.23 12.11
N GLY A 1164 -42.22 -0.79 11.25
CA GLY A 1164 -42.65 -1.15 9.92
C GLY A 1164 -43.44 -2.43 9.85
N LYS A 1165 -43.01 -3.43 10.64
CA LYS A 1165 -43.65 -4.75 10.74
C LYS A 1165 -43.42 -5.57 9.49
N MET A 1166 -42.86 -4.96 8.44
CA MET A 1166 -42.54 -5.69 7.21
C MET A 1166 -41.16 -5.38 6.65
N ASP A 1167 -40.56 -4.22 6.95
CA ASP A 1167 -39.24 -3.85 6.46
C ASP A 1167 -38.29 -3.62 7.63
N THR A 1168 -38.38 -4.45 8.65
CA THR A 1168 -37.55 -4.30 9.84
C THR A 1168 -36.10 -4.64 9.52
N GLU A 1169 -35.20 -3.69 9.73
CA GLU A 1169 -33.78 -3.95 9.59
C GLU A 1169 -33.23 -4.57 10.87
N LEU A 1170 -32.37 -5.57 10.72
CA LEU A 1170 -31.79 -6.29 11.84
C LEU A 1170 -30.31 -5.96 11.95
N ALA A 1171 -29.83 -5.83 13.18
CA ALA A 1171 -28.45 -5.49 13.47
C ALA A 1171 -27.71 -6.72 14.00
N GLU A 1172 -26.50 -6.94 13.52
CA GLU A 1172 -25.64 -8.05 13.94
C GLU A 1172 -26.36 -9.39 13.71
N SER A 1173 -26.66 -9.66 12.45
CA SER A 1173 -27.28 -10.92 12.02
C SER A 1173 -28.54 -11.22 12.82
N GLY A 1174 -29.33 -10.18 13.11
CA GLY A 1174 -30.55 -10.35 13.85
C GLY A 1174 -30.34 -10.58 15.33
N SER A 1175 -29.73 -9.60 16.01
CA SER A 1175 -29.48 -9.71 17.44
C SER A 1175 -30.72 -9.43 18.28
N ASN A 1176 -31.81 -8.97 17.68
CA ASN A 1176 -33.03 -8.67 18.41
C ASN A 1176 -33.92 -9.90 18.61
N PHE A 1177 -33.65 -11.00 17.92
CA PHE A 1177 -34.46 -12.20 18.00
C PHE A 1177 -33.77 -13.25 18.87
N SER A 1178 -34.58 -14.19 19.37
CA SER A 1178 -34.09 -15.28 20.20
C SER A 1178 -33.82 -16.52 19.36
N VAL A 1179 -33.35 -17.57 20.01
CA VAL A 1179 -33.04 -18.81 19.30
C VAL A 1179 -34.32 -19.51 18.87
N GLY A 1180 -35.33 -19.53 19.74
CA GLY A 1180 -36.60 -20.14 19.38
C GLY A 1180 -37.25 -19.45 18.19
N GLN A 1181 -37.16 -18.12 18.15
CA GLN A 1181 -37.64 -17.38 16.98
C GLN A 1181 -36.84 -17.75 15.73
N ARG A 1182 -35.56 -18.09 15.89
CA ARG A 1182 -34.77 -18.50 14.74
C ARG A 1182 -35.22 -19.87 14.22
N GLN A 1183 -35.46 -20.81 15.12
CA GLN A 1183 -36.03 -22.09 14.67
C GLN A 1183 -37.39 -21.88 14.03
N LEU A 1184 -38.19 -20.95 14.57
CA LEU A 1184 -39.52 -20.73 14.02
C LEU A 1184 -39.46 -20.09 12.64
N VAL A 1185 -38.51 -19.18 12.41
CA VAL A 1185 -38.41 -18.57 11.08
C VAL A 1185 -37.80 -19.55 10.09
N CYS A 1186 -36.93 -20.46 10.53
CA CYS A 1186 -36.47 -21.54 9.65
C CYS A 1186 -37.63 -22.45 9.27
N LEU A 1187 -38.50 -22.77 10.22
CA LEU A 1187 -39.68 -23.56 9.91
C LEU A 1187 -40.60 -22.79 8.94
N ALA A 1188 -40.69 -21.48 9.10
CA ALA A 1188 -41.47 -20.67 8.17
C ALA A 1188 -40.89 -20.74 6.75
N ARG A 1189 -39.55 -20.66 6.65
CA ARG A 1189 -38.90 -20.83 5.35
C ARG A 1189 -39.24 -22.18 4.75
N ALA A 1190 -39.16 -23.24 5.57
CA ALA A 1190 -39.43 -24.58 5.07
C ALA A 1190 -40.87 -24.72 4.59
N ILE A 1191 -41.82 -24.12 5.31
CA ILE A 1191 -43.22 -24.18 4.89
C ILE A 1191 -43.43 -23.37 3.62
N LEU A 1192 -42.77 -22.22 3.51
CA LEU A 1192 -42.94 -21.37 2.33
C LEU A 1192 -42.34 -22.02 1.09
N ARG A 1193 -41.28 -22.80 1.24
CA ARG A 1193 -40.71 -23.51 0.10
C ARG A 1193 -41.71 -24.49 -0.49
N LYS A 1194 -42.40 -25.23 0.37
CA LYS A 1194 -43.48 -26.14 -0.02
C LYS A 1194 -42.99 -27.20 -1.01
N ASN A 1195 -42.07 -28.03 -0.53
CA ASN A 1195 -41.58 -29.19 -1.27
C ASN A 1195 -41.93 -30.45 -0.48
N GLN A 1196 -41.64 -31.61 -1.08
CA GLN A 1196 -41.96 -32.88 -0.44
C GLN A 1196 -40.79 -33.39 0.42
N ILE A 1197 -39.64 -33.61 -0.20
CA ILE A 1197 -38.49 -34.16 0.51
C ILE A 1197 -38.00 -33.14 1.53
N LEU A 1198 -38.06 -33.51 2.81
CA LEU A 1198 -37.63 -32.66 3.90
C LEU A 1198 -36.71 -33.45 4.82
N ILE A 1199 -35.53 -32.89 5.09
CA ILE A 1199 -34.53 -33.52 5.94
C ILE A 1199 -34.40 -32.69 7.20
N ILE A 1200 -34.84 -33.25 8.33
CA ILE A 1200 -34.82 -32.57 9.62
C ILE A 1200 -33.63 -33.12 10.39
N ASP A 1201 -32.55 -32.33 10.46
CA ASP A 1201 -31.39 -32.64 11.27
C ASP A 1201 -31.29 -31.63 12.40
N GLU A 1202 -31.26 -32.13 13.64
CA GLU A 1202 -31.26 -31.25 14.79
C GLU A 1202 -30.58 -31.95 15.96
N ALA A 1203 -29.65 -31.25 16.61
CA ALA A 1203 -28.95 -31.76 17.79
C ALA A 1203 -28.82 -30.59 18.78
N THR A 1204 -29.79 -30.48 19.69
CA THR A 1204 -29.85 -29.39 20.64
C THR A 1204 -29.68 -29.90 22.07
N ALA A 1205 -29.50 -28.94 22.98
CA ALA A 1205 -29.39 -29.22 24.41
C ALA A 1205 -30.32 -28.33 25.23
N ASN A 1206 -31.31 -27.73 24.60
CA ASN A 1206 -32.25 -26.85 25.30
C ASN A 1206 -33.24 -27.64 26.14
N THR A 1211 -41.45 -24.02 24.16
CA THR A 1211 -41.13 -23.46 22.85
C THR A 1211 -40.77 -24.55 21.85
N ASP A 1212 -40.11 -25.60 22.34
CA ASP A 1212 -39.73 -26.70 21.46
C ASP A 1212 -40.87 -27.70 21.31
N GLU A 1213 -41.72 -27.84 22.34
CA GLU A 1213 -42.83 -28.78 22.25
C GLU A 1213 -43.82 -28.35 21.17
N LEU A 1214 -44.03 -27.05 21.01
CA LEU A 1214 -44.99 -26.58 20.01
C LEU A 1214 -44.46 -26.81 18.60
N ILE A 1215 -43.18 -26.52 18.36
CA ILE A 1215 -42.63 -26.78 17.04
C ILE A 1215 -42.59 -28.28 16.75
N GLN A 1216 -42.36 -29.10 17.79
CA GLN A 1216 -42.37 -30.54 17.60
C GLN A 1216 -43.74 -31.04 17.19
N LYS A 1217 -44.78 -30.67 17.95
CA LYS A 1217 -46.12 -31.10 17.58
C LYS A 1217 -46.54 -30.52 16.23
N LYS A 1218 -46.06 -29.33 15.89
CA LYS A 1218 -46.41 -28.74 14.59
C LYS A 1218 -45.78 -29.51 13.45
N ILE A 1219 -44.48 -29.79 13.53
CA ILE A 1219 -43.84 -30.58 12.47
C ILE A 1219 -44.41 -31.99 12.45
N ARG A 1220 -45.02 -32.42 13.56
CA ARG A 1220 -45.72 -33.71 13.58
C ARG A 1220 -47.11 -33.63 12.95
N GLU A 1221 -47.73 -32.45 12.90
CA GLU A 1221 -49.07 -32.33 12.35
C GLU A 1221 -49.17 -31.42 11.12
N LYS A 1222 -48.33 -30.39 11.00
CA LYS A 1222 -48.52 -29.41 9.94
C LYS A 1222 -48.14 -29.97 8.58
N PHE A 1223 -47.04 -30.72 8.50
CA PHE A 1223 -46.58 -31.23 7.23
C PHE A 1223 -47.50 -32.32 6.71
N ALA A 1224 -47.73 -32.32 5.40
CA ALA A 1224 -48.68 -33.22 4.77
C ALA A 1224 -48.06 -34.56 4.41
N HIS A 1225 -47.42 -35.19 5.40
CA HIS A 1225 -46.89 -36.56 5.32
C HIS A 1225 -46.19 -36.82 3.99
N CYS A 1226 -45.08 -36.10 3.77
CA CYS A 1226 -44.34 -36.18 2.51
C CYS A 1226 -42.88 -36.57 2.82
N THR A 1227 -42.64 -37.88 2.93
CA THR A 1227 -41.29 -38.46 2.99
C THR A 1227 -40.40 -37.70 3.96
N VAL A 1228 -40.77 -37.79 5.23
CA VAL A 1228 -40.03 -37.13 6.31
C VAL A 1228 -39.01 -38.10 6.88
N LEU A 1229 -37.74 -37.71 6.84
CA LEU A 1229 -36.66 -38.48 7.43
C LEU A 1229 -35.89 -37.61 8.40
N THR A 1230 -35.44 -38.20 9.50
CA THR A 1230 -34.80 -37.46 10.58
C THR A 1230 -33.42 -38.04 10.89
N ILE A 1231 -32.48 -37.14 11.15
CA ILE A 1231 -31.11 -37.48 11.55
C ILE A 1231 -30.93 -36.90 12.95
N ALA A 1232 -31.21 -37.70 13.97
CA ALA A 1232 -31.21 -37.19 15.34
C ALA A 1232 -30.57 -38.20 16.28
N HIS A 1233 -30.08 -37.68 17.41
CA HIS A 1233 -29.49 -38.51 18.46
C HIS A 1233 -30.41 -38.69 19.66
N ARG A 1234 -31.38 -37.80 19.85
CA ARG A 1234 -32.30 -37.89 20.98
C ARG A 1234 -33.31 -39.00 20.69
N LEU A 1235 -33.26 -40.07 21.48
CA LEU A 1235 -34.15 -41.20 21.27
C LEU A 1235 -35.60 -40.83 21.53
N ASN A 1236 -35.84 -39.82 22.36
CA ASN A 1236 -37.21 -39.43 22.69
C ASN A 1236 -37.91 -38.69 21.55
N THR A 1237 -37.23 -38.45 20.43
CA THR A 1237 -37.86 -37.82 19.28
C THR A 1237 -38.25 -38.83 18.21
N ILE A 1238 -37.53 -39.94 18.10
CA ILE A 1238 -37.87 -40.99 17.11
C ILE A 1238 -38.84 -41.92 17.81
N ILE A 1239 -40.12 -41.53 17.78
CA ILE A 1239 -41.20 -42.29 18.40
C ILE A 1239 -42.26 -42.57 17.35
N ASP A 1240 -42.70 -43.84 17.29
CA ASP A 1240 -43.77 -44.27 16.39
C ASP A 1240 -43.43 -43.93 14.93
N SER A 1241 -42.18 -44.15 14.55
CA SER A 1241 -41.75 -43.88 13.18
C SER A 1241 -42.09 -45.03 12.27
N ASP A 1242 -42.22 -44.73 10.97
CA ASP A 1242 -42.57 -45.77 10.00
C ASP A 1242 -41.43 -46.76 9.83
N LYS A 1243 -40.19 -46.27 9.78
CA LYS A 1243 -39.03 -47.13 9.60
C LYS A 1243 -37.84 -46.52 10.33
N ILE A 1244 -36.97 -47.38 10.84
CA ILE A 1244 -35.81 -46.96 11.62
C ILE A 1244 -34.57 -47.63 11.06
N MET A 1245 -33.42 -46.96 11.21
CA MET A 1245 -32.14 -47.51 10.79
C MET A 1245 -31.10 -47.21 11.86
N VAL A 1246 -30.23 -48.18 12.12
CA VAL A 1246 -29.21 -48.08 13.15
C VAL A 1246 -27.84 -48.05 12.49
N LEU A 1247 -26.98 -47.15 12.97
CA LEU A 1247 -25.66 -46.91 12.41
C LEU A 1247 -24.61 -47.47 13.34
N ASP A 1248 -23.82 -48.44 12.86
CA ASP A 1248 -22.63 -48.86 13.58
C ASP A 1248 -21.39 -48.42 12.82
N SER A 1249 -20.23 -48.61 13.45
CA SER A 1249 -19.01 -47.94 13.01
C SER A 1249 -18.56 -48.57 11.69
N GLY A 1250 -19.26 -48.17 10.62
CA GLY A 1250 -18.94 -48.63 9.29
C GLY A 1250 -20.14 -48.93 8.42
N ARG A 1251 -21.30 -49.21 9.02
CA ARG A 1251 -22.42 -49.71 8.24
C ARG A 1251 -23.74 -49.28 8.85
N LEU A 1252 -24.83 -49.66 8.18
CA LEU A 1252 -26.20 -49.29 8.53
C LEU A 1252 -27.08 -50.53 8.43
N LYS A 1253 -27.99 -50.69 9.39
CA LYS A 1253 -28.92 -51.82 9.43
C LYS A 1253 -30.34 -51.25 9.52
N GLU A 1254 -31.18 -51.62 8.55
CA GLU A 1254 -32.54 -51.10 8.50
C GLU A 1254 -33.52 -52.08 9.13
N TYR A 1255 -34.34 -51.60 10.06
CA TYR A 1255 -35.37 -52.40 10.70
C TYR A 1255 -36.73 -51.99 10.16
N ASP A 1256 -37.57 -52.98 9.89
CA ASP A 1256 -38.86 -52.71 9.25
C ASP A 1256 -39.79 -51.93 10.19
N GLU A 1257 -40.06 -52.48 11.37
CA GLU A 1257 -40.95 -51.83 12.31
C GLU A 1257 -40.24 -51.59 13.65
N PRO A 1258 -40.44 -50.42 14.26
CA PRO A 1258 -39.81 -50.17 15.56
C PRO A 1258 -40.32 -51.07 16.68
N TYR A 1259 -41.52 -51.65 16.53
CA TYR A 1259 -42.03 -52.57 17.54
C TYR A 1259 -41.22 -53.87 17.58
N VAL A 1260 -40.55 -54.20 16.47
CA VAL A 1260 -39.71 -55.41 16.46
C VAL A 1260 -38.50 -55.21 17.35
N LEU A 1261 -37.89 -54.03 17.34
CA LEU A 1261 -36.74 -53.77 18.19
C LEU A 1261 -37.15 -53.70 19.65
N LEU A 1262 -38.30 -53.09 19.94
CA LEU A 1262 -38.78 -52.98 21.31
C LEU A 1262 -39.74 -54.12 21.64
#